data_3ATJ
#
_entry.id   3ATJ
#
_cell.length_a   75.105
_cell.length_b   62.283
_cell.length_c   78.160
_cell.angle_alpha   90.00
_cell.angle_beta   104.31
_cell.angle_gamma   90.00
#
_symmetry.space_group_name_H-M   'P 1 21 1'
#
loop_
_entity.id
_entity.type
_entity.pdbx_description
1 polymer 'PROTEIN (HORSERADISH PEROXIDASE C1A)'
2 non-polymer 'CALCIUM ION'
3 non-polymer 'PROTOPORPHYRIN IX CONTAINING FE'
4 non-polymer 'BENZHYDROXAMIC ACID'
5 water water
#
_entity_poly.entity_id   1
_entity_poly.type   'polypeptide(L)'
_entity_poly.pdbx_seq_one_letter_code
;MQLTPTFYDNSCPNVSNIVRDTIVNELRSDPRIAASILRLHFHDCFVNGCDASILLDNTTSFRTEKDAFGNANSARGFPV
IDRMKAAVESACPRTVSCADLLTIAAQQSVTLAGGPSWRVPLGRRDSLQAFLDLANANLPAPFFTLPQLKDSFRNVGLNR
SSDLVALSGGHTFGKNQCRFIMDRLYNFSNTGLPDPTLNTTYLQTLRGLCPLNGNLSALVDMDLRTPTIFDNKYYVNLEE
QKGLIQSDQELFSSPNATDTIPLVRSFANSTQTFFNAFVEAMDRMGNITPLTGTQGQIRLNCRVVNSNS
;
_entity_poly.pdbx_strand_id   A,B
#
loop_
_chem_comp.id
_chem_comp.type
_chem_comp.name
_chem_comp.formula
BHO non-polymer 'BENZHYDROXAMIC ACID' 'C7 H7 N O2'
CA non-polymer 'CALCIUM ION' 'Ca 2'
HEM non-polymer 'PROTOPORPHYRIN IX CONTAINING FE' 'C34 H32 Fe N4 O4'
#
# COMPACT_ATOMS: atom_id res chain seq x y z
N MET A 1 14.27 10.77 -30.68
CA MET A 1 15.67 10.46 -30.29
C MET A 1 15.82 8.99 -29.92
N GLN A 2 16.93 8.39 -30.33
CA GLN A 2 17.20 6.99 -30.05
C GLN A 2 17.87 6.80 -28.69
N LEU A 3 17.42 5.81 -27.94
CA LEU A 3 17.99 5.53 -26.63
C LEU A 3 19.40 4.99 -26.83
N THR A 4 20.30 5.36 -25.91
CA THR A 4 21.68 4.92 -26.00
C THR A 4 22.22 4.58 -24.61
N PRO A 5 22.98 3.48 -24.49
CA PRO A 5 23.54 3.10 -23.18
C PRO A 5 24.58 4.06 -22.65
N THR A 6 25.00 5.00 -23.49
CA THR A 6 26.02 5.98 -23.09
C THR A 6 25.45 7.32 -22.64
N PHE A 7 24.13 7.43 -22.62
CA PHE A 7 23.46 8.67 -22.26
C PHE A 7 23.98 9.42 -21.02
N TYR A 8 24.34 8.71 -19.95
CA TYR A 8 24.84 9.39 -18.75
C TYR A 8 26.34 9.25 -18.51
N ASP A 9 27.06 8.72 -19.49
CA ASP A 9 28.49 8.53 -19.34
C ASP A 9 29.25 9.81 -19.00
N ASN A 10 28.68 10.95 -19.36
CA ASN A 10 29.31 12.23 -19.08
C ASN A 10 28.60 12.99 -17.97
N SER A 11 27.27 13.01 -18.04
CA SER A 11 26.44 13.72 -17.07
C SER A 11 26.35 13.09 -15.69
N CYS A 12 26.38 11.76 -15.63
CA CYS A 12 26.27 11.06 -14.35
C CYS A 12 26.88 9.68 -14.49
N PRO A 13 28.20 9.61 -14.70
CA PRO A 13 28.93 8.35 -14.88
C PRO A 13 28.79 7.27 -13.80
N ASN A 14 28.40 7.66 -12.60
CA ASN A 14 28.29 6.67 -11.53
C ASN A 14 26.88 6.25 -11.13
N VAL A 15 25.89 6.62 -11.93
CA VAL A 15 24.50 6.28 -11.64
C VAL A 15 24.32 4.77 -11.49
N SER A 16 25.00 3.99 -12.32
CA SER A 16 24.89 2.53 -12.27
C SER A 16 25.33 1.96 -10.93
N ASN A 17 26.46 2.45 -10.42
CA ASN A 17 26.99 2.00 -9.13
C ASN A 17 26.10 2.38 -7.97
N ILE A 18 25.53 3.59 -8.02
CA ILE A 18 24.65 4.06 -6.97
C ILE A 18 23.42 3.16 -6.92
N VAL A 19 22.93 2.80 -8.10
CA VAL A 19 21.76 1.93 -8.18
C VAL A 19 22.12 0.54 -7.64
N ARG A 20 23.24 -0.02 -8.08
CA ARG A 20 23.66 -1.33 -7.62
C ARG A 20 23.83 -1.38 -6.10
N ASP A 21 24.51 -0.37 -5.55
CA ASP A 21 24.75 -0.29 -4.11
C ASP A 21 23.46 -0.29 -3.29
N THR A 22 22.45 0.43 -3.77
CA THR A 22 21.18 0.50 -3.06
C THR A 22 20.50 -0.86 -2.99
N ILE A 23 20.49 -1.59 -4.11
CA ILE A 23 19.86 -2.90 -4.14
C ILE A 23 20.64 -3.91 -3.30
N VAL A 24 21.96 -3.84 -3.36
CA VAL A 24 22.80 -4.75 -2.58
C VAL A 24 22.45 -4.62 -1.11
N ASN A 25 22.36 -3.38 -0.61
CA ASN A 25 22.02 -3.13 0.79
C ASN A 25 20.62 -3.63 1.13
N GLU A 26 19.68 -3.40 0.23
CA GLU A 26 18.31 -3.82 0.46
C GLU A 26 18.15 -5.33 0.44
N LEU A 27 18.87 -5.99 -0.46
CA LEU A 27 18.79 -7.43 -0.57
C LEU A 27 19.08 -8.10 0.77
N ARG A 28 19.94 -7.48 1.56
CA ARG A 28 20.31 -8.00 2.87
C ARG A 28 19.09 -8.18 3.78
N SER A 29 18.17 -7.24 3.74
CA SER A 29 16.98 -7.31 4.57
C SER A 29 15.77 -7.86 3.82
N ASP A 30 15.79 -7.74 2.49
CA ASP A 30 14.69 -8.22 1.66
C ASP A 30 15.19 -8.94 0.41
N PRO A 31 15.41 -10.27 0.52
CA PRO A 31 15.89 -11.07 -0.61
C PRO A 31 14.99 -11.08 -1.85
N ARG A 32 13.76 -10.61 -1.70
CA ARG A 32 12.80 -10.58 -2.80
C ARG A 32 12.80 -9.29 -3.62
N ILE A 33 13.44 -8.25 -3.11
CA ILE A 33 13.45 -6.96 -3.79
C ILE A 33 13.90 -6.98 -5.25
N ALA A 34 14.89 -7.80 -5.59
CA ALA A 34 15.38 -7.88 -6.96
C ALA A 34 14.25 -8.27 -7.90
N ALA A 35 13.46 -9.27 -7.51
CA ALA A 35 12.34 -9.73 -8.31
C ALA A 35 11.26 -8.64 -8.39
N SER A 36 10.98 -8.00 -7.25
CA SER A 36 9.95 -6.96 -7.21
C SER A 36 10.28 -5.80 -8.14
N ILE A 37 11.55 -5.39 -8.19
CA ILE A 37 11.97 -4.27 -9.02
C ILE A 37 11.86 -4.60 -10.52
N LEU A 38 12.33 -5.77 -10.91
CA LEU A 38 12.24 -6.17 -12.31
C LEU A 38 10.77 -6.12 -12.76
N ARG A 39 9.87 -6.56 -11.87
CA ARG A 39 8.44 -6.56 -12.17
C ARG A 39 7.88 -5.15 -12.32
N LEU A 40 8.36 -4.22 -11.50
CA LEU A 40 7.90 -2.82 -11.57
C LEU A 40 8.25 -2.22 -12.94
N HIS A 41 9.42 -2.58 -13.45
CA HIS A 41 9.86 -2.09 -14.75
C HIS A 41 8.97 -2.63 -15.86
N PHE A 42 8.64 -3.91 -15.79
CA PHE A 42 7.78 -4.55 -16.78
C PHE A 42 6.39 -3.90 -16.79
N HIS A 43 5.83 -3.67 -15.62
CA HIS A 43 4.51 -3.07 -15.53
C HIS A 43 4.54 -1.58 -15.90
N ASP A 44 5.74 -1.00 -15.91
CA ASP A 44 5.85 0.39 -16.31
C ASP A 44 5.80 0.42 -17.83
N CYS A 45 6.68 -0.35 -18.45
CA CYS A 45 6.79 -0.42 -19.89
C CYS A 45 5.54 -0.82 -20.66
N PHE A 46 4.71 -1.67 -20.08
CA PHE A 46 3.51 -2.14 -20.77
C PHE A 46 2.34 -1.17 -20.77
N VAL A 47 2.47 -0.07 -20.05
CA VAL A 47 1.41 0.92 -20.00
C VAL A 47 1.97 2.26 -20.44
N ASN A 48 1.73 2.61 -21.71
CA ASN A 48 2.21 3.87 -22.27
C ASN A 48 3.73 3.94 -22.40
N GLY A 49 4.40 2.79 -22.33
CA GLY A 49 5.85 2.77 -22.46
C GLY A 49 6.58 2.97 -21.13
N CYS A 50 7.89 2.77 -21.12
CA CYS A 50 8.67 2.94 -19.89
C CYS A 50 8.85 4.43 -19.61
N ASP A 51 7.86 5.02 -18.95
CA ASP A 51 7.85 6.45 -18.65
C ASP A 51 7.69 6.74 -17.16
N ALA A 52 7.88 5.71 -16.32
CA ALA A 52 7.76 5.88 -14.87
C ALA A 52 6.36 6.29 -14.43
N SER A 53 5.35 6.04 -15.27
CA SER A 53 3.98 6.42 -14.92
C SER A 53 3.48 5.61 -13.73
N ILE A 54 4.00 4.39 -13.58
CA ILE A 54 3.60 3.52 -12.49
C ILE A 54 4.06 4.02 -11.13
N LEU A 55 5.05 4.91 -11.12
CA LEU A 55 5.60 5.42 -9.86
C LEU A 55 4.82 6.60 -9.26
N LEU A 56 3.92 7.20 -10.05
CA LEU A 56 3.16 8.33 -9.58
C LEU A 56 2.09 7.96 -8.56
N ASP A 57 1.98 8.78 -7.51
CA ASP A 57 0.99 8.57 -6.47
C ASP A 57 -0.29 9.25 -6.92
N ASN A 58 -1.39 8.89 -6.28
CA ASN A 58 -2.70 9.44 -6.60
C ASN A 58 -2.72 10.97 -6.47
N THR A 59 -3.48 11.62 -7.36
CA THR A 59 -3.64 13.08 -7.33
C THR A 59 -5.11 13.36 -7.63
N THR A 60 -5.49 14.64 -7.60
CA THR A 60 -6.88 14.99 -7.88
C THR A 60 -7.16 15.08 -9.37
N SER A 61 -6.10 15.01 -10.19
CA SER A 61 -6.26 15.09 -11.64
C SER A 61 -6.22 13.72 -12.30
N PHE A 62 -5.62 12.74 -11.62
CA PHE A 62 -5.56 11.38 -12.17
C PHE A 62 -5.29 10.34 -11.10
N ARG A 63 -5.79 9.12 -11.33
CA ARG A 63 -5.62 8.02 -10.39
C ARG A 63 -4.33 7.24 -10.66
N THR A 64 -3.72 6.74 -9.60
CA THR A 64 -2.48 5.99 -9.69
C THR A 64 -2.65 4.60 -10.28
N GLU A 65 -1.64 4.14 -10.99
CA GLU A 65 -1.66 2.81 -11.60
C GLU A 65 -1.43 1.76 -10.52
N LYS A 66 -1.05 2.22 -9.33
CA LYS A 66 -0.81 1.33 -8.20
C LYS A 66 -2.12 0.66 -7.76
N ASP A 67 -3.23 1.21 -8.21
CA ASP A 67 -4.54 0.67 -7.87
C ASP A 67 -5.04 -0.34 -8.90
N ALA A 68 -4.31 -0.48 -10.01
CA ALA A 68 -4.71 -1.39 -11.07
C ALA A 68 -4.73 -2.86 -10.67
N PHE A 69 -5.62 -3.62 -11.29
CA PHE A 69 -5.72 -5.05 -11.03
C PHE A 69 -4.38 -5.59 -11.51
N GLY A 70 -3.64 -6.25 -10.62
CA GLY A 70 -2.34 -6.76 -10.99
C GLY A 70 -1.27 -6.01 -10.22
N ASN A 71 -1.56 -4.76 -9.87
CA ASN A 71 -0.65 -3.91 -9.11
C ASN A 71 -1.12 -3.79 -7.66
N ALA A 72 -2.42 -3.52 -7.49
CA ALA A 72 -3.01 -3.37 -6.17
C ALA A 72 -2.66 -4.55 -5.26
N ASN A 73 -2.15 -4.25 -4.09
CA ASN A 73 -1.76 -5.28 -3.12
C ASN A 73 -0.93 -6.36 -3.78
N SER A 74 0.01 -5.96 -4.63
CA SER A 74 0.85 -6.92 -5.33
C SER A 74 2.22 -6.34 -5.66
N ALA A 75 2.21 -5.18 -6.32
CA ALA A 75 3.45 -4.52 -6.70
C ALA A 75 4.09 -3.92 -5.45
N ARG A 76 5.42 -3.95 -5.37
CA ARG A 76 6.09 -3.40 -4.20
C ARG A 76 7.49 -2.91 -4.53
N GLY A 77 8.14 -2.29 -3.54
CA GLY A 77 9.49 -1.80 -3.71
C GLY A 77 9.60 -0.30 -3.94
N PHE A 78 8.47 0.39 -3.91
CA PHE A 78 8.46 1.84 -4.16
C PHE A 78 9.39 2.67 -3.27
N PRO A 79 9.44 2.39 -1.96
CA PRO A 79 10.33 3.17 -1.09
C PRO A 79 11.79 2.98 -1.48
N VAL A 80 12.12 1.79 -1.99
CA VAL A 80 13.48 1.49 -2.41
C VAL A 80 13.82 2.33 -3.62
N ILE A 81 12.85 2.51 -4.51
CA ILE A 81 13.06 3.33 -5.69
C ILE A 81 13.30 4.78 -5.23
N ASP A 82 12.58 5.19 -4.19
CA ASP A 82 12.72 6.53 -3.64
C ASP A 82 14.15 6.75 -3.14
N ARG A 83 14.70 5.74 -2.48
CA ARG A 83 16.04 5.79 -1.94
C ARG A 83 17.14 5.99 -3.00
N MET A 84 17.09 5.25 -4.10
CA MET A 84 18.12 5.43 -5.11
C MET A 84 17.97 6.75 -5.85
N LYS A 85 16.74 7.21 -6.02
CA LYS A 85 16.52 8.49 -6.71
C LYS A 85 17.15 9.62 -5.88
N ALA A 86 16.96 9.55 -4.56
CA ALA A 86 17.51 10.56 -3.65
C ALA A 86 19.04 10.56 -3.74
N ALA A 87 19.63 9.37 -3.68
CA ALA A 87 21.08 9.24 -3.76
C ALA A 87 21.63 9.75 -5.10
N VAL A 88 20.89 9.53 -6.17
CA VAL A 88 21.32 9.98 -7.49
C VAL A 88 21.16 11.49 -7.64
N GLU A 89 20.07 12.02 -7.09
CA GLU A 89 19.82 13.46 -7.17
C GLU A 89 20.92 14.21 -6.42
N SER A 90 21.50 13.57 -5.41
CA SER A 90 22.56 14.19 -4.63
C SER A 90 23.83 14.27 -5.46
N ALA A 91 24.13 13.21 -6.19
CA ALA A 91 25.33 13.17 -7.02
C ALA A 91 25.15 13.89 -8.37
N CYS A 92 23.95 13.77 -8.95
CA CYS A 92 23.65 14.39 -10.25
C CYS A 92 22.28 15.03 -10.23
N PRO A 93 22.16 16.22 -9.64
CA PRO A 93 20.87 16.91 -9.57
C PRO A 93 20.14 17.05 -10.90
N ARG A 94 18.85 16.78 -10.88
CA ARG A 94 17.98 16.90 -12.06
C ARG A 94 18.63 16.37 -13.35
N THR A 95 19.20 15.18 -13.28
CA THR A 95 19.86 14.59 -14.44
C THR A 95 19.26 13.27 -14.90
N VAL A 96 19.08 12.34 -13.98
CA VAL A 96 18.54 11.03 -14.31
C VAL A 96 17.04 10.90 -14.06
N SER A 97 16.30 10.53 -15.10
CA SER A 97 14.85 10.36 -14.97
C SER A 97 14.50 9.12 -14.18
N CYS A 98 13.27 9.09 -13.66
CA CYS A 98 12.80 7.94 -12.89
C CYS A 98 12.64 6.76 -13.84
N ALA A 99 12.21 7.04 -15.07
CA ALA A 99 12.02 6.03 -16.09
C ALA A 99 13.32 5.27 -16.38
N ASP A 100 14.42 6.01 -16.48
CA ASP A 100 15.73 5.39 -16.72
C ASP A 100 16.23 4.69 -15.46
N LEU A 101 16.02 5.33 -14.31
CA LEU A 101 16.44 4.76 -13.04
C LEU A 101 15.82 3.38 -12.85
N LEU A 102 14.50 3.30 -13.08
CA LEU A 102 13.79 2.03 -12.94
C LEU A 102 14.31 0.98 -13.92
N THR A 103 14.79 1.43 -15.08
CA THR A 103 15.32 0.52 -16.10
C THR A 103 16.67 -0.05 -15.67
N ILE A 104 17.55 0.81 -15.16
CA ILE A 104 18.86 0.38 -14.70
C ILE A 104 18.67 -0.52 -13.47
N ALA A 105 17.74 -0.16 -12.61
CA ALA A 105 17.47 -0.93 -11.40
C ALA A 105 17.02 -2.35 -11.76
N ALA A 106 16.24 -2.48 -12.82
CA ALA A 106 15.76 -3.79 -13.27
C ALA A 106 16.92 -4.65 -13.78
N GLN A 107 17.81 -4.03 -14.54
CA GLN A 107 18.97 -4.74 -15.08
C GLN A 107 19.90 -5.20 -13.94
N GLN A 108 20.21 -4.29 -13.02
CA GLN A 108 21.08 -4.62 -11.90
C GLN A 108 20.48 -5.71 -11.03
N SER A 109 19.16 -5.69 -10.88
CA SER A 109 18.46 -6.68 -10.08
C SER A 109 18.67 -8.07 -10.68
N VAL A 110 18.58 -8.16 -12.01
CA VAL A 110 18.77 -9.43 -12.71
C VAL A 110 20.20 -9.92 -12.56
N THR A 111 21.15 -9.00 -12.73
CA THR A 111 22.56 -9.34 -12.62
C THR A 111 22.91 -9.78 -11.21
N LEU A 112 22.46 -9.01 -10.21
CA LEU A 112 22.73 -9.32 -8.82
C LEU A 112 22.13 -10.66 -8.41
N ALA A 113 21.10 -11.11 -9.13
CA ALA A 113 20.45 -12.38 -8.82
C ALA A 113 21.08 -13.54 -9.59
N GLY A 114 22.21 -13.26 -10.23
CA GLY A 114 22.92 -14.30 -10.97
C GLY A 114 22.66 -14.30 -12.47
N GLY A 115 21.86 -13.35 -12.94
CA GLY A 115 21.56 -13.29 -14.36
C GLY A 115 22.64 -12.64 -15.20
N PRO A 116 22.33 -12.35 -16.47
CA PRO A 116 23.32 -11.71 -17.34
C PRO A 116 23.58 -10.25 -16.95
N SER A 117 24.69 -9.73 -17.44
CA SER A 117 25.07 -8.35 -17.18
C SER A 117 25.18 -7.64 -18.53
N TRP A 118 24.52 -6.50 -18.66
CA TRP A 118 24.56 -5.73 -19.91
C TRP A 118 24.25 -4.27 -19.66
N ARG A 119 24.58 -3.41 -20.62
CA ARG A 119 24.32 -1.98 -20.49
C ARG A 119 22.99 -1.66 -21.17
N VAL A 120 22.05 -1.12 -20.40
CA VAL A 120 20.75 -0.79 -20.94
C VAL A 120 20.73 0.55 -21.66
N PRO A 121 19.98 0.63 -22.78
CA PRO A 121 19.89 1.88 -23.53
C PRO A 121 19.19 2.86 -22.60
N LEU A 122 19.63 4.12 -22.62
CA LEU A 122 19.05 5.12 -21.75
C LEU A 122 18.66 6.40 -22.50
N GLY A 123 17.98 7.31 -21.81
CA GLY A 123 17.56 8.54 -22.44
C GLY A 123 16.07 8.77 -22.36
N ARG A 124 15.38 7.94 -21.58
CA ARG A 124 13.94 8.09 -21.42
C ARG A 124 13.63 9.21 -20.45
N ARG A 125 12.45 9.80 -20.58
CA ARG A 125 12.03 10.88 -19.69
C ARG A 125 10.72 10.47 -19.02
N ASP A 126 10.33 11.21 -17.98
CA ASP A 126 9.14 10.88 -17.20
C ASP A 126 7.81 11.47 -17.63
N SER A 127 6.76 10.66 -17.50
CA SER A 127 5.42 11.08 -17.88
C SER A 127 4.87 12.14 -16.94
N LEU A 128 3.83 12.84 -17.38
CA LEU A 128 3.23 13.91 -16.59
C LEU A 128 1.94 13.44 -15.93
N GLN A 129 1.62 12.17 -16.12
CA GLN A 129 0.41 11.60 -15.52
C GLN A 129 0.46 10.07 -15.51
N ALA A 130 -0.50 9.46 -14.84
CA ALA A 130 -0.59 8.01 -14.76
C ALA A 130 -1.78 7.51 -15.56
N PHE A 131 -1.74 6.25 -15.98
CA PHE A 131 -2.82 5.68 -16.80
C PHE A 131 -3.41 4.42 -16.19
N LEU A 132 -4.33 4.59 -15.26
CA LEU A 132 -4.96 3.46 -14.58
C LEU A 132 -5.83 2.59 -15.50
N ASP A 133 -6.75 3.23 -16.22
CA ASP A 133 -7.63 2.49 -17.12
C ASP A 133 -6.83 1.73 -18.18
N LEU A 134 -5.73 2.31 -18.63
CA LEU A 134 -4.89 1.68 -19.62
C LEU A 134 -4.17 0.48 -19.00
N ALA A 135 -3.74 0.63 -17.75
CA ALA A 135 -3.05 -0.43 -17.05
C ALA A 135 -4.00 -1.61 -16.86
N ASN A 136 -5.25 -1.32 -16.57
CA ASN A 136 -6.26 -2.35 -16.35
C ASN A 136 -6.56 -3.13 -17.61
N ALA A 137 -6.20 -2.58 -18.76
CA ALA A 137 -6.45 -3.26 -20.03
C ALA A 137 -5.19 -3.84 -20.65
N ASN A 138 -4.04 -3.21 -20.39
CA ASN A 138 -2.79 -3.64 -20.98
C ASN A 138 -2.00 -4.76 -20.29
N LEU A 139 -2.10 -4.86 -18.97
CA LEU A 139 -1.37 -5.89 -18.24
C LEU A 139 -1.98 -7.27 -18.46
N PRO A 140 -1.15 -8.27 -18.81
CA PRO A 140 -1.69 -9.61 -19.03
C PRO A 140 -2.12 -10.26 -17.73
N ALA A 141 -3.19 -11.04 -17.77
CA ALA A 141 -3.69 -11.73 -16.58
C ALA A 141 -3.21 -13.17 -16.58
N PRO A 142 -3.07 -13.77 -15.40
CA PRO A 142 -2.60 -15.17 -15.29
C PRO A 142 -3.59 -16.19 -15.86
N PHE A 143 -4.83 -15.79 -16.08
CA PHE A 143 -5.82 -16.72 -16.63
C PHE A 143 -5.95 -16.62 -18.15
N PHE A 144 -5.12 -15.80 -18.78
CA PHE A 144 -5.12 -15.63 -20.23
C PHE A 144 -4.67 -16.93 -20.90
N THR A 145 -5.19 -17.19 -22.10
CA THR A 145 -4.81 -18.38 -22.87
C THR A 145 -3.53 -17.98 -23.65
N LEU A 146 -2.85 -18.94 -24.27
CA LEU A 146 -1.64 -18.62 -25.01
C LEU A 146 -1.91 -17.51 -26.05
N PRO A 147 -2.93 -17.69 -26.91
CA PRO A 147 -3.20 -16.65 -27.91
C PRO A 147 -3.45 -15.28 -27.26
N GLN A 148 -4.10 -15.28 -26.10
CA GLN A 148 -4.38 -14.04 -25.40
C GLN A 148 -3.08 -13.40 -24.88
N LEU A 149 -2.14 -14.24 -24.43
CA LEU A 149 -0.87 -13.73 -23.94
C LEU A 149 -0.10 -13.14 -25.13
N LYS A 150 -0.24 -13.78 -26.29
CA LYS A 150 0.43 -13.33 -27.50
C LYS A 150 -0.14 -11.98 -27.95
N ASP A 151 -1.46 -11.82 -27.87
CA ASP A 151 -2.10 -10.57 -28.26
C ASP A 151 -1.67 -9.43 -27.34
N SER A 152 -1.59 -9.74 -26.05
CA SER A 152 -1.18 -8.75 -25.04
C SER A 152 0.20 -8.18 -25.32
N PHE A 153 1.13 -9.04 -25.72
CA PHE A 153 2.50 -8.61 -26.02
C PHE A 153 2.58 -7.89 -27.36
N ARG A 154 1.87 -8.42 -28.35
CA ARG A 154 1.86 -7.81 -29.68
C ARG A 154 1.24 -6.41 -29.59
N ASN A 155 0.29 -6.26 -28.67
CA ASN A 155 -0.40 -4.99 -28.47
C ASN A 155 0.57 -3.84 -28.14
N VAL A 156 1.69 -4.15 -27.50
CA VAL A 156 2.66 -3.10 -27.17
C VAL A 156 3.90 -3.15 -28.06
N GLY A 157 3.87 -3.95 -29.11
CA GLY A 157 5.00 -4.00 -30.02
C GLY A 157 5.92 -5.20 -29.95
N LEU A 158 5.71 -6.09 -28.98
CA LEU A 158 6.54 -7.28 -28.86
C LEU A 158 5.80 -8.41 -29.57
N ASN A 159 5.92 -8.42 -30.89
CA ASN A 159 5.23 -9.40 -31.72
C ASN A 159 5.99 -10.67 -32.07
N ARG A 160 7.06 -10.97 -31.33
CA ARG A 160 7.83 -12.19 -31.58
C ARG A 160 7.57 -13.21 -30.48
N SER A 161 7.60 -14.49 -30.86
CA SER A 161 7.39 -15.55 -29.88
C SER A 161 8.50 -15.57 -28.84
N SER A 162 9.71 -15.20 -29.25
CA SER A 162 10.84 -15.18 -28.33
C SER A 162 10.63 -14.14 -27.23
N ASP A 163 9.98 -13.04 -27.57
CA ASP A 163 9.71 -11.97 -26.59
C ASP A 163 8.88 -12.54 -25.45
N LEU A 164 7.79 -13.22 -25.78
CA LEU A 164 6.92 -13.80 -24.77
C LEU A 164 7.64 -14.86 -23.95
N VAL A 165 8.25 -15.82 -24.62
CA VAL A 165 8.95 -16.90 -23.93
C VAL A 165 10.14 -16.43 -23.09
N ALA A 166 10.96 -15.54 -23.66
CA ALA A 166 12.13 -15.05 -22.93
C ALA A 166 11.75 -14.21 -21.71
N LEU A 167 10.87 -13.23 -21.90
CA LEU A 167 10.47 -12.36 -20.80
C LEU A 167 9.74 -13.12 -19.69
N SER A 168 9.04 -14.19 -20.05
CA SER A 168 8.32 -14.98 -19.08
C SER A 168 9.33 -15.63 -18.13
N GLY A 169 10.59 -15.66 -18.57
CA GLY A 169 11.65 -16.24 -17.75
C GLY A 169 11.88 -15.41 -16.50
N GLY A 170 11.17 -14.31 -16.37
CA GLY A 170 11.29 -13.46 -15.20
C GLY A 170 10.71 -14.18 -14.00
N HIS A 171 9.96 -15.25 -14.25
CA HIS A 171 9.35 -16.04 -13.18
C HIS A 171 10.34 -17.07 -12.68
N THR A 172 11.63 -16.82 -12.96
CA THR A 172 12.68 -17.73 -12.50
C THR A 172 12.97 -17.39 -11.03
N PHE A 173 12.44 -16.27 -10.55
CA PHE A 173 12.58 -15.91 -9.15
C PHE A 173 11.34 -15.12 -8.73
N GLY A 174 11.23 -14.77 -7.46
CA GLY A 174 10.06 -14.03 -7.01
C GLY A 174 8.96 -14.91 -6.43
N LYS A 175 7.88 -14.28 -6.00
CA LYS A 175 6.76 -14.99 -5.38
C LYS A 175 5.40 -14.76 -6.07
N ASN A 176 4.44 -15.60 -5.72
CA ASN A 176 3.08 -15.53 -6.27
C ASN A 176 2.09 -15.88 -5.16
N GLN A 177 1.02 -15.10 -5.06
CA GLN A 177 0.00 -15.34 -4.03
C GLN A 177 -0.90 -16.52 -4.37
N CYS A 178 -1.29 -17.25 -3.33
CA CYS A 178 -2.17 -18.41 -3.49
C CYS A 178 -3.39 -18.08 -4.33
N ARG A 179 -3.95 -16.90 -4.12
CA ARG A 179 -5.15 -16.47 -4.82
C ARG A 179 -5.10 -16.61 -6.35
N PHE A 180 -3.92 -16.48 -6.94
CA PHE A 180 -3.81 -16.59 -8.38
C PHE A 180 -3.70 -18.01 -8.95
N ILE A 181 -3.69 -19.02 -8.08
CA ILE A 181 -3.61 -20.41 -8.55
C ILE A 181 -4.68 -21.30 -7.94
N MET A 182 -5.54 -20.73 -7.11
CA MET A 182 -6.59 -21.51 -6.45
C MET A 182 -7.42 -22.35 -7.43
N ASP A 183 -7.75 -21.78 -8.58
CA ASP A 183 -8.54 -22.50 -9.59
C ASP A 183 -7.80 -23.72 -10.17
N ARG A 184 -6.49 -23.58 -10.39
CA ARG A 184 -5.70 -24.69 -10.93
C ARG A 184 -5.64 -25.83 -9.91
N LEU A 185 -5.77 -25.48 -8.64
CA LEU A 185 -5.68 -26.45 -7.57
C LEU A 185 -6.97 -27.17 -7.21
N TYR A 186 -8.09 -26.45 -7.22
CA TYR A 186 -9.35 -27.05 -6.82
C TYR A 186 -10.53 -27.07 -7.79
N ASN A 187 -10.60 -26.12 -8.70
CA ASN A 187 -11.71 -26.07 -9.65
C ASN A 187 -11.35 -25.29 -10.90
N PHE A 188 -10.68 -25.95 -11.83
CA PHE A 188 -10.24 -25.32 -13.07
C PHE A 188 -11.29 -25.29 -14.18
N SER A 189 -11.57 -24.09 -14.69
CA SER A 189 -12.53 -23.90 -15.78
C SER A 189 -13.94 -24.40 -15.47
N ASN A 190 -14.39 -24.21 -14.22
CA ASN A 190 -15.72 -24.64 -13.84
C ASN A 190 -15.91 -26.15 -13.93
N THR A 191 -14.81 -26.91 -13.85
CA THR A 191 -14.88 -28.36 -13.94
C THR A 191 -14.92 -29.06 -12.58
N GLY A 192 -14.62 -28.31 -11.53
CA GLY A 192 -14.63 -28.89 -10.19
C GLY A 192 -13.41 -29.76 -9.96
N LEU A 193 -12.52 -29.79 -10.94
CA LEU A 193 -11.29 -30.58 -10.86
C LEU A 193 -10.09 -29.67 -11.12
N PRO A 194 -8.90 -30.08 -10.63
CA PRO A 194 -7.70 -29.25 -10.84
C PRO A 194 -7.25 -29.23 -12.31
N ASP A 195 -6.32 -28.34 -12.60
CA ASP A 195 -5.76 -28.20 -13.93
C ASP A 195 -5.01 -29.48 -14.28
N PRO A 196 -5.40 -30.15 -15.37
CA PRO A 196 -4.75 -31.39 -15.79
C PRO A 196 -3.31 -31.22 -16.26
N THR A 197 -2.88 -29.98 -16.48
CA THR A 197 -1.52 -29.74 -16.95
C THR A 197 -0.56 -29.50 -15.78
N LEU A 198 -1.09 -29.61 -14.57
CA LEU A 198 -0.27 -29.41 -13.38
C LEU A 198 0.15 -30.77 -12.84
N ASN A 199 1.45 -30.94 -12.64
CA ASN A 199 2.00 -32.19 -12.11
C ASN A 199 1.29 -32.57 -10.80
N THR A 200 0.78 -33.79 -10.74
CA THR A 200 0.04 -34.30 -9.59
C THR A 200 0.78 -34.27 -8.26
N THR A 201 2.06 -34.63 -8.26
CA THR A 201 2.79 -34.63 -7.01
C THR A 201 2.95 -33.17 -6.57
N TYR A 202 3.26 -32.30 -7.52
CA TYR A 202 3.43 -30.88 -7.24
C TYR A 202 2.09 -30.30 -6.77
N LEU A 203 0.99 -30.83 -7.32
CA LEU A 203 -0.35 -30.38 -6.94
C LEU A 203 -0.59 -30.60 -5.45
N GLN A 204 -0.06 -31.70 -4.92
CA GLN A 204 -0.20 -32.02 -3.52
C GLN A 204 0.56 -31.00 -2.68
N THR A 205 1.78 -30.69 -3.11
CA THR A 205 2.59 -29.72 -2.40
C THR A 205 1.92 -28.35 -2.38
N LEU A 206 1.41 -27.92 -3.53
CA LEU A 206 0.74 -26.62 -3.63
C LEU A 206 -0.53 -26.55 -2.79
N ARG A 207 -1.31 -27.63 -2.80
CA ARG A 207 -2.53 -27.65 -2.01
C ARG A 207 -2.21 -27.55 -0.52
N GLY A 208 -1.01 -27.97 -0.14
CA GLY A 208 -0.61 -27.89 1.24
C GLY A 208 -0.28 -26.46 1.60
N LEU A 209 0.29 -25.76 0.63
CA LEU A 209 0.66 -24.35 0.81
C LEU A 209 -0.56 -23.43 0.66
N CYS A 210 -1.49 -23.82 -0.20
CA CYS A 210 -2.67 -23.02 -0.45
C CYS A 210 -3.94 -23.82 -0.20
N PRO A 211 -4.29 -24.03 1.08
CA PRO A 211 -5.49 -24.79 1.45
C PRO A 211 -6.77 -24.09 1.05
N LEU A 212 -7.80 -24.87 0.80
CA LEU A 212 -9.10 -24.36 0.39
C LEU A 212 -9.63 -23.18 1.19
N ASN A 213 -9.46 -23.20 2.51
CA ASN A 213 -9.95 -22.10 3.32
C ASN A 213 -8.83 -21.28 3.94
N GLY A 214 -7.62 -21.44 3.39
CA GLY A 214 -6.46 -20.72 3.92
C GLY A 214 -6.33 -19.26 3.50
N ASN A 215 -5.14 -18.72 3.75
CA ASN A 215 -4.83 -17.33 3.43
C ASN A 215 -4.50 -17.20 1.95
N LEU A 216 -5.32 -16.46 1.21
CA LEU A 216 -5.12 -16.27 -0.22
C LEU A 216 -3.92 -15.39 -0.51
N SER A 217 -3.45 -14.67 0.49
CA SER A 217 -2.30 -13.80 0.32
C SER A 217 -0.99 -14.50 0.63
N ALA A 218 -1.09 -15.77 1.02
CA ALA A 218 0.11 -16.55 1.32
C ALA A 218 0.92 -16.60 0.04
N LEU A 219 2.24 -16.49 0.17
CA LEU A 219 3.14 -16.49 -0.97
C LEU A 219 3.79 -17.84 -1.29
N VAL A 220 3.95 -18.10 -2.58
CA VAL A 220 4.57 -19.34 -3.06
C VAL A 220 5.70 -18.95 -4.01
N ASP A 221 6.74 -19.77 -4.08
CA ASP A 221 7.86 -19.49 -4.97
C ASP A 221 7.47 -19.76 -6.41
N MET A 222 7.82 -18.84 -7.30
CA MET A 222 7.53 -18.97 -8.73
C MET A 222 8.32 -20.14 -9.30
N ASP A 223 9.59 -20.26 -8.88
CA ASP A 223 10.47 -21.32 -9.34
C ASP A 223 10.85 -22.25 -8.19
N LEU A 224 10.28 -23.45 -8.18
CA LEU A 224 10.54 -24.42 -7.13
C LEU A 224 11.96 -24.98 -7.08
N ARG A 225 12.74 -24.77 -8.13
CA ARG A 225 14.09 -25.29 -8.16
C ARG A 225 15.12 -24.35 -7.52
N THR A 226 15.20 -23.12 -8.02
CA THR A 226 16.11 -22.10 -7.46
C THR A 226 15.26 -20.85 -7.30
N PRO A 227 14.46 -20.79 -6.22
CA PRO A 227 13.57 -19.68 -5.92
C PRO A 227 14.11 -18.25 -5.99
N THR A 228 15.41 -18.06 -5.76
CA THR A 228 15.97 -16.72 -5.77
C THR A 228 17.10 -16.47 -6.75
N ILE A 229 17.43 -17.47 -7.55
CA ILE A 229 18.52 -17.31 -8.51
C ILE A 229 17.98 -17.11 -9.92
N PHE A 230 18.48 -16.10 -10.62
CA PHE A 230 18.03 -15.87 -11.97
C PHE A 230 18.78 -16.82 -12.90
N ASP A 231 18.10 -17.90 -13.29
CA ASP A 231 18.69 -18.89 -14.17
C ASP A 231 17.60 -19.46 -15.08
N ASN A 232 17.94 -20.48 -15.85
CA ASN A 232 16.98 -21.06 -16.78
C ASN A 232 16.11 -22.20 -16.22
N LYS A 233 16.13 -22.39 -14.90
CA LYS A 233 15.36 -23.47 -14.28
C LYS A 233 13.86 -23.35 -14.51
N TYR A 234 13.41 -22.12 -14.72
CA TYR A 234 11.99 -21.84 -14.99
C TYR A 234 11.47 -22.71 -16.14
N TYR A 235 12.31 -22.90 -17.16
CA TYR A 235 11.93 -23.68 -18.34
C TYR A 235 11.94 -25.18 -18.09
N VAL A 236 12.86 -25.65 -17.26
CA VAL A 236 12.93 -27.08 -16.93
C VAL A 236 11.62 -27.47 -16.23
N ASN A 237 11.15 -26.60 -15.33
CA ASN A 237 9.90 -26.84 -14.61
C ASN A 237 8.72 -27.01 -15.58
N LEU A 238 8.66 -26.15 -16.60
CA LEU A 238 7.58 -26.22 -17.59
C LEU A 238 7.55 -27.58 -18.26
N GLU A 239 8.71 -28.13 -18.60
CA GLU A 239 8.80 -29.43 -19.23
C GLU A 239 8.28 -30.54 -18.32
N GLU A 240 8.32 -30.30 -17.02
CA GLU A 240 7.86 -31.29 -16.04
C GLU A 240 6.44 -30.99 -15.59
N GLN A 241 5.80 -30.03 -16.27
CA GLN A 241 4.45 -29.60 -15.95
C GLN A 241 4.39 -29.03 -14.54
N LYS A 242 5.44 -28.29 -14.19
CA LYS A 242 5.53 -27.67 -12.88
C LYS A 242 5.58 -26.14 -12.95
N GLY A 243 4.97 -25.58 -13.99
CA GLY A 243 4.90 -24.13 -14.11
C GLY A 243 3.88 -23.74 -13.06
N LEU A 244 4.16 -22.71 -12.27
CA LEU A 244 3.25 -22.32 -11.22
C LEU A 244 1.89 -21.77 -11.69
N ILE A 245 1.91 -20.71 -12.49
CA ILE A 245 0.65 -20.15 -12.95
C ILE A 245 0.26 -20.61 -14.35
N GLN A 246 -1.04 -20.54 -14.62
CA GLN A 246 -1.58 -20.95 -15.90
C GLN A 246 -0.82 -20.38 -17.11
N SER A 247 -0.53 -19.09 -17.08
CA SER A 247 0.19 -18.45 -18.19
C SER A 247 1.59 -19.02 -18.37
N ASP A 248 2.14 -19.60 -17.31
CA ASP A 248 3.48 -20.19 -17.34
C ASP A 248 3.46 -21.51 -18.10
N GLN A 249 2.61 -22.43 -17.63
CA GLN A 249 2.48 -23.77 -18.20
C GLN A 249 1.98 -23.79 -19.65
N GLU A 250 1.14 -22.83 -20.01
CA GLU A 250 0.61 -22.75 -21.36
C GLU A 250 1.69 -22.60 -22.43
N LEU A 251 2.86 -22.07 -22.03
CA LEU A 251 3.98 -21.88 -22.94
C LEU A 251 4.47 -23.22 -23.47
N PHE A 252 4.21 -24.27 -22.70
CA PHE A 252 4.64 -25.62 -23.07
C PHE A 252 3.48 -26.58 -23.33
N SER A 253 2.37 -26.40 -22.63
CA SER A 253 1.24 -27.32 -22.76
C SER A 253 0.01 -26.86 -23.55
N SER A 254 -0.01 -25.62 -24.02
CA SER A 254 -1.16 -25.15 -24.77
C SER A 254 -1.22 -25.73 -26.19
N PRO A 255 -2.43 -25.97 -26.69
CA PRO A 255 -2.57 -26.51 -28.05
C PRO A 255 -2.05 -25.54 -29.12
N ASN A 256 -1.81 -24.29 -28.72
CA ASN A 256 -1.31 -23.26 -29.63
C ASN A 256 0.18 -23.01 -29.40
N ALA A 257 0.81 -23.85 -28.57
CA ALA A 257 2.23 -23.71 -28.23
C ALA A 257 3.21 -24.28 -29.25
N THR A 258 2.74 -24.50 -30.48
CA THR A 258 3.58 -25.03 -31.55
C THR A 258 4.90 -24.28 -31.70
N ASP A 259 4.81 -22.96 -31.70
CA ASP A 259 5.97 -22.08 -31.87
C ASP A 259 6.75 -21.75 -30.59
N THR A 260 6.16 -22.00 -29.43
CA THR A 260 6.82 -21.70 -28.17
C THR A 260 7.56 -22.89 -27.56
N ILE A 261 7.07 -24.10 -27.82
CA ILE A 261 7.70 -25.30 -27.27
C ILE A 261 9.20 -25.37 -27.62
N PRO A 262 9.56 -25.18 -28.90
CA PRO A 262 10.97 -25.24 -29.29
C PRO A 262 11.84 -24.27 -28.51
N LEU A 263 11.32 -23.08 -28.24
CA LEU A 263 12.05 -22.05 -27.50
C LEU A 263 12.23 -22.47 -26.05
N VAL A 264 11.20 -23.12 -25.50
CA VAL A 264 11.26 -23.58 -24.11
C VAL A 264 12.33 -24.67 -24.01
N ARG A 265 12.29 -25.62 -24.94
CA ARG A 265 13.25 -26.72 -24.95
C ARG A 265 14.65 -26.15 -25.05
N SER A 266 14.83 -25.19 -25.94
CA SER A 266 16.12 -24.56 -26.15
C SER A 266 16.60 -23.84 -24.89
N PHE A 267 15.76 -22.98 -24.33
CA PHE A 267 16.11 -22.22 -23.14
C PHE A 267 16.35 -23.09 -21.92
N ALA A 268 15.63 -24.22 -21.84
CA ALA A 268 15.77 -25.13 -20.72
C ALA A 268 17.08 -25.88 -20.75
N ASN A 269 17.71 -25.95 -21.92
CA ASN A 269 18.96 -26.68 -22.04
C ASN A 269 20.20 -25.85 -22.34
N SER A 270 20.06 -24.54 -22.32
CA SER A 270 21.21 -23.68 -22.59
C SER A 270 21.04 -22.32 -21.93
N THR A 271 21.83 -22.07 -20.88
CA THR A 271 21.76 -20.80 -20.15
C THR A 271 22.15 -19.63 -21.04
N GLN A 272 23.17 -19.83 -21.85
CA GLN A 272 23.66 -18.80 -22.75
C GLN A 272 22.58 -18.35 -23.73
N THR A 273 21.92 -19.32 -24.36
CA THR A 273 20.87 -19.01 -25.31
C THR A 273 19.75 -18.23 -24.61
N PHE A 274 19.35 -18.68 -23.43
CA PHE A 274 18.31 -17.99 -22.68
C PHE A 274 18.74 -16.58 -22.31
N PHE A 275 19.93 -16.44 -21.73
CA PHE A 275 20.42 -15.13 -21.33
C PHE A 275 20.50 -14.17 -22.54
N ASN A 276 21.00 -14.66 -23.66
CA ASN A 276 21.09 -13.83 -24.87
C ASN A 276 19.70 -13.33 -25.25
N ALA A 277 18.74 -14.27 -25.32
CA ALA A 277 17.37 -13.97 -25.69
C ALA A 277 16.68 -13.04 -24.69
N PHE A 278 16.95 -13.25 -23.39
CA PHE A 278 16.34 -12.41 -22.35
C PHE A 278 16.84 -10.97 -22.46
N VAL A 279 18.13 -10.80 -22.71
CA VAL A 279 18.69 -9.46 -22.83
C VAL A 279 18.10 -8.74 -24.04
N GLU A 280 17.98 -9.47 -25.15
CA GLU A 280 17.42 -8.89 -26.38
C GLU A 280 15.96 -8.50 -26.18
N ALA A 281 15.19 -9.38 -25.55
CA ALA A 281 13.78 -9.11 -25.28
C ALA A 281 13.63 -7.94 -24.32
N MET A 282 14.50 -7.86 -23.32
CA MET A 282 14.45 -6.79 -22.34
C MET A 282 14.71 -5.43 -22.99
N ASP A 283 15.70 -5.37 -23.87
CA ASP A 283 16.01 -4.12 -24.52
C ASP A 283 14.87 -3.69 -25.44
N ARG A 284 14.18 -4.68 -26.02
CA ARG A 284 13.06 -4.40 -26.89
C ARG A 284 11.90 -3.84 -26.05
N MET A 285 11.67 -4.44 -24.89
CA MET A 285 10.62 -3.98 -24.00
C MET A 285 10.92 -2.57 -23.50
N GLY A 286 12.20 -2.32 -23.18
CA GLY A 286 12.59 -1.02 -22.69
C GLY A 286 12.49 0.08 -23.73
N ASN A 287 12.20 -0.31 -24.97
CA ASN A 287 12.10 0.66 -26.05
C ASN A 287 10.67 0.96 -26.49
N ILE A 288 9.70 0.50 -25.70
CA ILE A 288 8.30 0.75 -26.02
C ILE A 288 7.96 2.23 -25.83
N THR A 289 7.57 2.89 -26.91
CA THR A 289 7.19 4.30 -26.93
C THR A 289 7.75 5.17 -25.81
N PRO A 290 9.08 5.35 -25.77
CA PRO A 290 9.66 6.19 -24.72
C PRO A 290 9.49 7.68 -24.97
N LEU A 291 9.53 8.47 -23.89
CA LEU A 291 9.44 9.92 -24.01
C LEU A 291 10.91 10.37 -24.07
N THR A 292 11.27 11.14 -25.09
CA THR A 292 12.65 11.59 -25.21
C THR A 292 12.76 13.07 -25.60
N GLY A 293 13.99 13.55 -25.64
CA GLY A 293 14.24 14.94 -26.01
C GLY A 293 13.66 15.95 -25.04
N THR A 294 12.58 16.60 -25.45
CA THR A 294 11.94 17.60 -24.61
C THR A 294 10.60 17.09 -24.11
N GLN A 295 10.24 15.87 -24.47
CA GLN A 295 8.99 15.28 -24.03
C GLN A 295 9.12 14.89 -22.58
N GLY A 296 8.02 14.95 -21.84
CA GLY A 296 8.05 14.59 -20.44
C GLY A 296 9.08 15.42 -19.68
N GLN A 297 9.43 14.99 -18.49
CA GLN A 297 10.41 15.74 -17.71
C GLN A 297 11.35 14.81 -16.97
N ILE A 298 12.24 15.41 -16.19
CA ILE A 298 13.13 14.64 -15.36
C ILE A 298 12.57 14.92 -13.97
N ARG A 299 11.76 13.98 -13.48
CA ARG A 299 11.13 14.11 -12.18
C ARG A 299 12.17 14.25 -11.08
N LEU A 300 11.90 15.12 -10.11
CA LEU A 300 12.82 15.31 -9.00
C LEU A 300 12.46 14.29 -7.91
N ASN A 301 11.17 14.01 -7.81
CA ASN A 301 10.60 13.06 -6.85
C ASN A 301 9.72 12.15 -7.72
N CYS A 302 10.08 10.87 -7.80
CA CYS A 302 9.37 9.91 -8.63
C CYS A 302 7.87 9.75 -8.36
N ARG A 303 7.43 10.15 -7.17
CA ARG A 303 6.03 10.02 -6.81
C ARG A 303 5.15 11.13 -7.34
N VAL A 304 5.74 12.27 -7.68
CA VAL A 304 4.98 13.41 -8.14
C VAL A 304 5.58 14.13 -9.33
N VAL A 305 4.71 14.80 -10.08
CA VAL A 305 5.11 15.57 -11.26
C VAL A 305 5.74 16.86 -10.74
N ASN A 306 6.74 17.36 -11.46
CA ASN A 306 7.41 18.60 -11.07
C ASN A 306 6.45 19.80 -11.15
N SER A 307 6.57 20.71 -10.20
CA SER A 307 5.73 21.91 -10.17
C SER A 307 6.13 22.87 -11.28
N ASN A 308 7.32 23.26 -11.31
N MET B 1 9.17 20.84 27.07
CA MET B 1 8.40 22.02 26.58
C MET B 1 6.91 21.70 26.42
N GLN B 2 6.06 22.64 26.81
CA GLN B 2 4.62 22.45 26.71
C GLN B 2 4.10 22.84 25.34
N LEU B 3 3.20 22.03 24.79
CA LEU B 3 2.61 22.31 23.48
C LEU B 3 1.71 23.52 23.61
N THR B 4 1.68 24.35 22.58
CA THR B 4 0.85 25.54 22.58
C THR B 4 0.22 25.75 21.21
N PRO B 5 -1.06 26.15 21.17
CA PRO B 5 -1.74 26.38 19.89
C PRO B 5 -1.20 27.57 19.12
N THR B 6 -0.34 28.37 19.76
CA THR B 6 0.24 29.54 19.11
C THR B 6 1.62 29.32 18.53
N PHE B 7 2.12 28.10 18.63
CA PHE B 7 3.46 27.77 18.16
C PHE B 7 3.88 28.30 16.78
N TYR B 8 2.97 28.29 15.80
CA TYR B 8 3.33 28.78 14.46
C TYR B 8 2.71 30.13 14.10
N ASP B 9 2.11 30.81 15.07
CA ASP B 9 1.48 32.09 14.79
C ASP B 9 2.43 33.12 14.20
N ASN B 10 3.73 32.96 14.44
CA ASN B 10 4.71 33.88 13.91
C ASN B 10 5.52 33.26 12.78
N SER B 11 5.96 32.02 12.99
CA SER B 11 6.76 31.30 12.01
C SER B 11 6.04 30.83 10.76
N CYS B 12 4.77 30.48 10.88
CA CYS B 12 3.99 30.00 9.73
C CYS B 12 2.52 30.20 10.03
N PRO B 13 2.08 31.46 10.11
CA PRO B 13 0.68 31.82 10.40
C PRO B 13 -0.42 31.22 9.51
N ASN B 14 -0.07 30.80 8.31
CA ASN B 14 -1.09 30.26 7.41
C ASN B 14 -1.11 28.75 7.22
N VAL B 15 -0.37 28.03 8.07
CA VAL B 15 -0.31 26.58 7.96
C VAL B 15 -1.69 25.95 8.06
N SER B 16 -2.55 26.48 8.92
CA SER B 16 -3.90 25.96 9.10
C SER B 16 -4.72 26.02 7.82
N ASN B 17 -4.66 27.16 7.13
CA ASN B 17 -5.39 27.37 5.88
C ASN B 17 -4.89 26.46 4.77
N ILE B 18 -3.57 26.28 4.70
CA ILE B 18 -2.98 25.43 3.68
C ILE B 18 -3.46 24.00 3.90
N VAL B 19 -3.53 23.59 5.16
CA VAL B 19 -3.99 22.25 5.49
C VAL B 19 -5.47 22.11 5.12
N ARG B 20 -6.29 23.08 5.52
CA ARG B 20 -7.71 23.04 5.22
C ARG B 20 -7.97 22.98 3.71
N ASP B 21 -7.29 23.83 2.97
CA ASP B 21 -7.44 23.88 1.52
C ASP B 21 -7.15 22.54 0.84
N THR B 22 -6.12 21.85 1.30
CA THR B 22 -5.74 20.56 0.73
C THR B 22 -6.83 19.52 0.92
N ILE B 23 -7.39 19.46 2.14
CA ILE B 23 -8.43 18.50 2.43
C ILE B 23 -9.72 18.83 1.67
N VAL B 24 -10.05 20.12 1.58
CA VAL B 24 -11.26 20.54 0.87
C VAL B 24 -11.19 20.04 -0.57
N ASN B 25 -10.06 20.24 -1.23
CA ASN B 25 -9.86 19.79 -2.61
C ASN B 25 -9.96 18.28 -2.72
N GLU B 26 -9.35 17.57 -1.78
CA GLU B 26 -9.36 16.12 -1.80
C GLU B 26 -10.75 15.54 -1.54
N LEU B 27 -11.48 16.16 -0.64
CA LEU B 27 -12.82 15.69 -0.30
C LEU B 27 -13.69 15.58 -1.54
N ARG B 28 -13.44 16.46 -2.51
CA ARG B 28 -14.20 16.47 -3.76
C ARG B 28 -14.09 15.15 -4.50
N SER B 29 -12.91 14.54 -4.51
CA SER B 29 -12.72 13.28 -5.20
C SER B 29 -12.80 12.09 -4.25
N ASP B 30 -12.54 12.33 -2.97
CA ASP B 30 -12.57 11.26 -1.96
C ASP B 30 -13.28 11.71 -0.68
N PRO B 31 -14.60 11.52 -0.61
CA PRO B 31 -15.38 11.91 0.58
C PRO B 31 -14.97 11.24 1.88
N ARG B 32 -14.17 10.18 1.79
CA ARG B 32 -13.74 9.44 2.96
C ARG B 32 -12.43 9.91 3.58
N ILE B 33 -11.69 10.74 2.86
CA ILE B 33 -10.40 11.22 3.34
C ILE B 33 -10.39 11.85 4.74
N ALA B 34 -11.43 12.60 5.08
CA ALA B 34 -11.50 13.23 6.40
C ALA B 34 -11.41 12.18 7.50
N ALA B 35 -12.16 11.10 7.34
CA ALA B 35 -12.17 10.01 8.30
C ALA B 35 -10.82 9.31 8.33
N SER B 36 -10.25 9.07 7.15
CA SER B 36 -8.96 8.39 7.06
C SER B 36 -7.85 9.16 7.77
N ILE B 37 -7.84 10.48 7.62
CA ILE B 37 -6.82 11.32 8.24
C ILE B 37 -6.92 11.34 9.76
N LEU B 38 -8.14 11.50 10.29
CA LEU B 38 -8.33 11.50 11.73
C LEU B 38 -7.79 10.18 12.30
N ARG B 39 -8.03 9.08 11.59
CA ARG B 39 -7.57 7.77 12.04
C ARG B 39 -6.04 7.65 12.03
N LEU B 40 -5.40 8.26 11.04
CA LEU B 40 -3.94 8.23 10.95
C LEU B 40 -3.32 8.92 12.16
N HIS B 41 -3.96 10.01 12.60
CA HIS B 41 -3.48 10.76 13.76
C HIS B 41 -3.59 9.91 15.03
N PHE B 42 -4.72 9.22 15.17
CA PHE B 42 -4.95 8.36 16.34
C PHE B 42 -3.92 7.23 16.39
N HIS B 43 -3.65 6.59 15.26
CA HIS B 43 -2.69 5.50 15.22
C HIS B 43 -1.26 6.00 15.35
N ASP B 44 -1.07 7.31 15.16
CA ASP B 44 0.26 7.88 15.33
C ASP B 44 0.46 8.04 16.83
N CYS B 45 -0.46 8.75 17.46
CA CYS B 45 -0.39 9.05 18.89
C CYS B 45 -0.31 7.85 19.83
N PHE B 46 -0.93 6.74 19.47
CA PHE B 46 -0.94 5.56 20.34
C PHE B 46 0.33 4.73 20.30
N VAL B 47 1.25 5.07 19.42
CA VAL B 47 2.51 4.33 19.34
C VAL B 47 3.66 5.31 19.52
N ASN B 48 4.21 5.35 20.73
CA ASN B 48 5.31 6.25 21.05
C ASN B 48 4.93 7.73 21.01
N GLY B 49 3.64 8.03 21.04
CA GLY B 49 3.19 9.42 21.02
C GLY B 49 3.02 9.97 19.62
N CYS B 50 2.44 11.16 19.50
CA CYS B 50 2.23 11.78 18.18
C CYS B 50 3.55 12.34 17.67
N ASP B 51 4.33 11.47 17.04
CA ASP B 51 5.65 11.82 16.52
C ASP B 51 5.80 11.54 15.03
N ALA B 52 4.70 11.31 14.34
CA ALA B 52 4.71 11.03 12.91
C ALA B 52 5.49 9.77 12.56
N SER B 53 5.64 8.86 13.52
CA SER B 53 6.38 7.62 13.26
C SER B 53 5.62 6.75 12.26
N ILE B 54 4.29 6.87 12.25
CA ILE B 54 3.47 6.08 11.35
C ILE B 54 3.64 6.48 9.87
N LEU B 55 4.20 7.67 9.64
CA LEU B 55 4.37 8.15 8.27
C LEU B 55 5.66 7.67 7.59
N LEU B 56 6.58 7.10 8.36
CA LEU B 56 7.84 6.63 7.81
C LEU B 56 7.69 5.36 6.97
N ASP B 57 8.39 5.35 5.83
CA ASP B 57 8.36 4.21 4.94
C ASP B 57 9.45 3.24 5.41
N ASN B 58 9.36 2.01 4.94
CA ASN B 58 10.32 0.97 5.30
C ASN B 58 11.75 1.37 4.96
N THR B 59 12.70 0.96 5.80
CA THR B 59 14.12 1.22 5.58
C THR B 59 14.88 -0.05 5.98
N THR B 60 16.19 -0.06 5.80
CA THR B 60 16.96 -1.23 6.16
C THR B 60 17.31 -1.25 7.66
N SER B 61 17.02 -0.17 8.36
CA SER B 61 17.30 -0.08 9.79
C SER B 61 16.06 -0.33 10.63
N PHE B 62 14.87 -0.15 10.05
CA PHE B 62 13.63 -0.40 10.79
C PHE B 62 12.44 -0.60 9.86
N ARG B 63 11.47 -1.38 10.32
CA ARG B 63 10.28 -1.67 9.55
C ARG B 63 9.18 -0.62 9.80
N THR B 64 8.41 -0.35 8.75
CA THR B 64 7.33 0.64 8.83
C THR B 64 6.13 0.15 9.64
N GLU B 65 5.46 1.09 10.31
CA GLU B 65 4.28 0.78 11.11
C GLU B 65 3.09 0.54 10.18
N LYS B 66 3.29 0.87 8.90
CA LYS B 66 2.24 0.68 7.90
C LYS B 66 1.95 -0.81 7.69
N ASP B 67 2.85 -1.65 8.18
CA ASP B 67 2.70 -3.10 8.05
C ASP B 67 2.02 -3.71 9.27
N ALA B 68 1.79 -2.90 10.31
CA ALA B 68 1.17 -3.39 11.52
C ALA B 68 -0.27 -3.88 11.34
N PHE B 69 -0.65 -4.86 12.16
CA PHE B 69 -2.00 -5.39 12.13
C PHE B 69 -2.87 -4.21 12.54
N GLY B 70 -3.81 -3.82 11.68
CA GLY B 70 -4.65 -2.68 12.00
C GLY B 70 -4.34 -1.56 11.02
N ASN B 71 -3.11 -1.53 10.52
CA ASN B 71 -2.66 -0.53 9.55
C ASN B 71 -2.58 -1.15 8.16
N ALA B 72 -1.95 -2.31 8.09
CA ALA B 72 -1.78 -3.03 6.82
C ALA B 72 -3.10 -3.17 6.07
N ASN B 73 -3.10 -2.75 4.81
CA ASN B 73 -4.29 -2.81 3.98
C ASN B 73 -5.50 -2.25 4.71
N SER B 74 -5.30 -1.12 5.39
CA SER B 74 -6.39 -0.50 6.13
C SER B 74 -6.22 1.01 6.24
N ALA B 75 -5.06 1.43 6.71
CA ALA B 75 -4.75 2.84 6.85
C ALA B 75 -4.51 3.45 5.47
N ARG B 76 -4.95 4.68 5.27
CA ARG B 76 -4.76 5.30 3.96
C ARG B 76 -4.68 6.82 4.07
N GLY B 77 -4.40 7.47 2.94
CA GLY B 77 -4.32 8.92 2.90
C GLY B 77 -2.92 9.49 2.88
N PHE B 78 -1.92 8.60 2.86
CA PHE B 78 -0.53 9.04 2.90
C PHE B 78 -0.12 10.03 1.81
N PRO B 79 -0.54 9.82 0.55
CA PRO B 79 -0.16 10.77 -0.50
C PRO B 79 -0.74 12.15 -0.24
N VAL B 80 -1.91 12.19 0.40
CA VAL B 80 -2.55 13.45 0.72
C VAL B 80 -1.73 14.19 1.75
N ILE B 81 -1.16 13.44 2.70
CA ILE B 81 -0.32 14.05 3.71
C ILE B 81 0.92 14.62 3.02
N ASP B 82 1.42 13.91 2.01
CA ASP B 82 2.58 14.35 1.26
C ASP B 82 2.30 15.69 0.60
N ARG B 83 1.10 15.82 0.04
CA ARG B 83 0.69 17.05 -0.64
C ARG B 83 0.67 18.29 0.26
N MET B 84 0.10 18.18 1.46
CA MET B 84 0.08 19.35 2.32
C MET B 84 1.45 19.70 2.88
N LYS B 85 2.29 18.69 3.10
CA LYS B 85 3.63 18.94 3.59
C LYS B 85 4.43 19.74 2.55
N ALA B 86 4.28 19.36 1.28
CA ALA B 86 4.95 20.04 0.18
C ALA B 86 4.51 21.49 0.11
N ALA B 87 3.20 21.71 0.18
CA ALA B 87 2.65 23.05 0.13
C ALA B 87 3.12 23.92 1.30
N VAL B 88 3.25 23.30 2.47
CA VAL B 88 3.68 24.03 3.66
C VAL B 88 5.19 24.32 3.59
N GLU B 89 5.96 23.37 3.09
CA GLU B 89 7.41 23.55 2.97
C GLU B 89 7.71 24.69 2.01
N SER B 90 6.80 24.93 1.07
CA SER B 90 6.98 26.00 0.10
C SER B 90 6.77 27.34 0.76
N ALA B 91 5.76 27.43 1.62
CA ALA B 91 5.45 28.67 2.32
C ALA B 91 6.33 28.89 3.55
N CYS B 92 6.65 27.81 4.26
CA CYS B 92 7.47 27.88 5.48
C CYS B 92 8.49 26.75 5.51
N PRO B 93 9.59 26.91 4.76
CA PRO B 93 10.62 25.86 4.71
C PRO B 93 11.12 25.40 6.09
N ARG B 94 11.26 24.09 6.23
CA ARG B 94 11.76 23.48 7.47
C ARG B 94 11.21 24.12 8.74
N THR B 95 9.90 24.32 8.80
CA THR B 95 9.28 24.93 9.96
C THR B 95 8.26 24.06 10.67
N VAL B 96 7.33 23.48 9.91
CA VAL B 96 6.28 22.65 10.49
C VAL B 96 6.58 21.16 10.41
N SER B 97 6.57 20.50 11.56
CA SER B 97 6.84 19.06 11.62
C SER B 97 5.68 18.25 11.06
N CYS B 98 5.96 17.02 10.67
CA CYS B 98 4.93 16.13 10.14
C CYS B 98 3.96 15.77 11.27
N ALA B 99 4.50 15.63 12.48
CA ALA B 99 3.71 15.30 13.67
C ALA B 99 2.63 16.35 13.91
N ASP B 100 3.02 17.62 13.79
CA ASP B 100 2.06 18.72 13.99
C ASP B 100 1.12 18.82 12.80
N LEU B 101 1.65 18.64 11.60
CA LEU B 101 0.84 18.69 10.39
C LEU B 101 -0.29 17.68 10.48
N LEU B 102 0.04 16.45 10.85
CA LEU B 102 -0.97 15.39 10.96
C LEU B 102 -2.00 15.72 12.04
N THR B 103 -1.58 16.47 13.06
CA THR B 103 -2.49 16.86 14.14
C THR B 103 -3.50 17.91 13.67
N ILE B 104 -2.99 18.92 12.95
CA ILE B 104 -3.86 19.97 12.42
C ILE B 104 -4.79 19.37 11.37
N ALA B 105 -4.26 18.47 10.56
CA ALA B 105 -5.05 17.81 9.51
C ALA B 105 -6.22 17.05 10.12
N ALA B 106 -5.98 16.41 11.27
CA ALA B 106 -7.03 15.65 11.95
C ALA B 106 -8.14 16.58 12.46
N GLN B 107 -7.74 17.70 13.04
CA GLN B 107 -8.69 18.68 13.55
C GLN B 107 -9.54 19.26 12.41
N GLN B 108 -8.87 19.69 11.33
CA GLN B 108 -9.57 20.26 10.19
C GLN B 108 -10.53 19.25 9.56
N SER B 109 -10.12 18.00 9.54
CA SER B 109 -10.94 16.94 8.98
C SER B 109 -12.24 16.82 9.75
N VAL B 110 -12.16 16.89 11.08
CA VAL B 110 -13.33 16.80 11.94
C VAL B 110 -14.25 18.01 11.72
N THR B 111 -13.65 19.20 11.65
CA THR B 111 -14.40 20.42 11.45
C THR B 111 -15.08 20.43 10.09
N LEU B 112 -14.33 20.08 9.05
CA LEU B 112 -14.86 20.05 7.69
C LEU B 112 -16.00 19.04 7.55
N ALA B 113 -16.03 18.05 8.42
CA ALA B 113 -17.07 17.02 8.38
C ALA B 113 -18.27 17.40 9.23
N GLY B 114 -18.28 18.64 9.72
CA GLY B 114 -19.39 19.11 10.53
C GLY B 114 -19.14 19.08 12.03
N GLY B 115 -17.96 18.67 12.43
CA GLY B 115 -17.66 18.60 13.85
C GLY B 115 -17.26 19.92 14.47
N PRO B 116 -16.75 19.90 15.71
CA PRO B 116 -16.35 21.14 16.36
C PRO B 116 -15.09 21.75 15.74
N SER B 117 -14.87 23.01 16.03
CA SER B 117 -13.71 23.74 15.54
C SER B 117 -12.92 24.22 16.74
N TRP B 118 -11.63 23.94 16.78
CA TRP B 118 -10.78 24.38 17.88
C TRP B 118 -9.32 24.46 17.44
N ARG B 119 -8.50 25.16 18.23
CA ARG B 119 -7.08 25.29 17.93
C ARG B 119 -6.30 24.22 18.67
N VAL B 120 -5.60 23.38 17.93
CA VAL B 120 -4.83 22.32 18.55
C VAL B 120 -3.48 22.79 19.06
N PRO B 121 -3.06 22.26 20.22
CA PRO B 121 -1.75 22.62 20.79
C PRO B 121 -0.71 22.11 19.79
N LEU B 122 0.34 22.88 19.58
CA LEU B 122 1.38 22.50 18.64
C LEU B 122 2.78 22.60 19.23
N GLY B 123 3.76 22.12 18.48
CA GLY B 123 5.13 22.17 18.96
C GLY B 123 5.79 20.81 19.00
N ARG B 124 5.13 19.80 18.43
CA ARG B 124 5.68 18.44 18.39
C ARG B 124 6.73 18.35 17.30
N ARG B 125 7.66 17.42 17.46
CA ARG B 125 8.71 17.19 16.48
C ARG B 125 8.64 15.74 16.00
N ASP B 126 9.33 15.43 14.91
CA ASP B 126 9.29 14.11 14.32
C ASP B 126 10.31 13.08 14.79
N SER B 127 9.85 11.83 14.89
CA SER B 127 10.69 10.73 15.34
C SER B 127 11.75 10.38 14.30
N LEU B 128 12.77 9.66 14.73
CA LEU B 128 13.88 9.27 13.87
C LEU B 128 13.75 7.83 13.43
N GLN B 129 12.66 7.17 13.83
CA GLN B 129 12.41 5.80 13.44
C GLN B 129 10.95 5.41 13.66
N ALA B 130 10.58 4.22 13.18
CA ALA B 130 9.22 3.72 13.32
C ALA B 130 9.21 2.56 14.32
N PHE B 131 8.06 2.29 14.92
CA PHE B 131 7.94 1.23 15.91
C PHE B 131 6.84 0.22 15.56
N LEU B 132 7.18 -0.74 14.70
CA LEU B 132 6.23 -1.75 14.28
C LEU B 132 5.77 -2.69 15.40
N ASP B 133 6.73 -3.29 16.10
CA ASP B 133 6.39 -4.20 17.20
C ASP B 133 5.55 -3.51 18.27
N LEU B 134 5.82 -2.23 18.51
CA LEU B 134 5.07 -1.48 19.50
C LEU B 134 3.66 -1.22 18.98
N ALA B 135 3.54 -0.95 17.69
CA ALA B 135 2.24 -0.70 17.09
C ALA B 135 1.38 -1.95 17.17
N ASN B 136 2.01 -3.11 16.97
CA ASN B 136 1.31 -4.38 17.00
C ASN B 136 0.79 -4.72 18.41
N ALA B 137 1.34 -4.05 19.42
CA ALA B 137 0.92 -4.31 20.79
C ALA B 137 0.06 -3.19 21.35
N ASN B 138 0.28 -1.96 20.89
CA ASN B 138 -0.45 -0.81 21.41
C ASN B 138 -1.81 -0.48 20.81
N LEU B 139 -2.03 -0.79 19.54
CA LEU B 139 -3.31 -0.48 18.90
C LEU B 139 -4.40 -1.43 19.39
N PRO B 140 -5.55 -0.88 19.80
CA PRO B 140 -6.64 -1.74 20.27
C PRO B 140 -7.28 -2.51 19.12
N ALA B 141 -7.68 -3.75 19.39
CA ALA B 141 -8.32 -4.60 18.37
C ALA B 141 -9.83 -4.55 18.54
N PRO B 142 -10.58 -4.75 17.44
CA PRO B 142 -12.04 -4.72 17.50
C PRO B 142 -12.65 -5.85 18.32
N PHE B 143 -11.87 -6.89 18.60
CA PHE B 143 -12.40 -8.01 19.37
C PHE B 143 -12.09 -7.90 20.88
N PHE B 144 -11.49 -6.79 21.28
CA PHE B 144 -11.18 -6.54 22.69
C PHE B 144 -12.47 -6.39 23.50
N THR B 145 -12.42 -6.78 24.76
CA THR B 145 -13.58 -6.65 25.66
C THR B 145 -13.50 -5.22 26.24
N LEU B 146 -14.55 -4.77 26.92
CA LEU B 146 -14.52 -3.42 27.48
C LEU B 146 -13.27 -3.20 28.36
N PRO B 147 -13.04 -4.10 29.34
CA PRO B 147 -11.85 -3.92 30.19
C PRO B 147 -10.56 -3.86 29.38
N GLN B 148 -10.49 -4.65 28.30
CA GLN B 148 -9.31 -4.65 27.47
C GLN B 148 -9.16 -3.32 26.72
N LEU B 149 -10.28 -2.73 26.31
CA LEU B 149 -10.24 -1.45 25.63
C LEU B 149 -9.78 -0.38 26.62
N LYS B 150 -10.22 -0.53 27.88
CA LYS B 150 -9.85 0.41 28.93
C LYS B 150 -8.35 0.32 29.23
N ASP B 151 -7.82 -0.90 29.26
CA ASP B 151 -6.39 -1.11 29.52
C ASP B 151 -5.55 -0.49 28.41
N SER B 152 -6.00 -0.68 27.17
CA SER B 152 -5.31 -0.17 26.00
C SER B 152 -5.14 1.35 26.04
N PHE B 153 -6.20 2.05 26.48
CA PHE B 153 -6.17 3.49 26.56
C PHE B 153 -5.36 3.97 27.76
N ARG B 154 -5.55 3.29 28.90
CA ARG B 154 -4.81 3.64 30.11
C ARG B 154 -3.32 3.44 29.87
N ASN B 155 -2.98 2.45 29.06
CA ASN B 155 -1.60 2.14 28.73
C ASN B 155 -0.84 3.33 28.15
N VAL B 156 -1.54 4.21 27.44
CA VAL B 156 -0.88 5.39 26.86
C VAL B 156 -1.19 6.68 27.61
N GLY B 157 -1.82 6.56 28.77
CA GLY B 157 -2.11 7.74 29.57
C GLY B 157 -3.54 8.27 29.57
N LEU B 158 -4.42 7.68 28.78
CA LEU B 158 -5.81 8.12 28.75
C LEU B 158 -6.58 7.20 29.69
N ASN B 159 -6.48 7.49 30.98
CA ASN B 159 -7.10 6.66 32.01
C ASN B 159 -8.50 7.08 32.46
N ARG B 160 -9.19 7.90 31.67
CA ARG B 160 -10.55 8.32 32.02
C ARG B 160 -11.56 7.63 31.12
N SER B 161 -12.74 7.35 31.67
CA SER B 161 -13.79 6.70 30.90
C SER B 161 -14.26 7.60 29.76
N SER B 162 -14.23 8.91 29.99
CA SER B 162 -14.66 9.87 28.96
C SER B 162 -13.73 9.82 27.75
N ASP B 163 -12.45 9.55 27.98
CA ASP B 163 -11.47 9.46 26.89
C ASP B 163 -11.88 8.36 25.93
N LEU B 164 -12.16 7.17 26.48
CA LEU B 164 -12.57 6.04 25.66
C LEU B 164 -13.87 6.30 24.94
N VAL B 165 -14.89 6.71 25.67
CA VAL B 165 -16.21 6.96 25.09
C VAL B 165 -16.21 8.11 24.07
N ALA B 166 -15.55 9.22 24.41
CA ALA B 166 -15.51 10.36 23.50
C ALA B 166 -14.75 10.06 22.21
N LEU B 167 -13.53 9.54 22.34
CA LEU B 167 -12.71 9.26 21.17
C LEU B 167 -13.32 8.19 20.27
N SER B 168 -14.09 7.28 20.86
CA SER B 168 -14.74 6.22 20.09
C SER B 168 -15.76 6.87 19.16
N GLY B 169 -16.12 8.11 19.45
CA GLY B 169 -17.08 8.83 18.63
C GLY B 169 -16.50 9.12 17.25
N GLY B 170 -15.26 8.73 17.04
CA GLY B 170 -14.63 8.93 15.75
C GLY B 170 -15.27 8.00 14.72
N HIS B 171 -16.02 7.03 15.21
CA HIS B 171 -16.71 6.07 14.35
C HIS B 171 -18.04 6.65 13.91
N THR B 172 -18.17 7.98 14.00
CA THR B 172 -19.38 8.64 13.58
C THR B 172 -19.32 8.82 12.05
N PHE B 173 -18.15 8.56 11.47
CA PHE B 173 -18.00 8.60 10.03
C PHE B 173 -16.93 7.59 9.62
N GLY B 174 -16.71 7.41 8.32
CA GLY B 174 -15.71 6.45 7.90
C GLY B 174 -16.29 5.07 7.58
N LYS B 175 -15.41 4.16 7.16
CA LYS B 175 -15.81 2.80 6.78
C LYS B 175 -15.10 1.69 7.56
N ASN B 176 -15.65 0.48 7.44
CA ASN B 176 -15.11 -0.71 8.10
C ASN B 176 -15.27 -1.90 7.17
N GLN B 177 -14.22 -2.72 7.06
CA GLN B 177 -14.25 -3.89 6.19
C GLN B 177 -15.06 -5.03 6.79
N CYS B 178 -15.75 -5.77 5.92
CA CYS B 178 -16.57 -6.90 6.33
C CYS B 178 -15.79 -7.84 7.24
N ARG B 179 -14.52 -8.07 6.90
CA ARG B 179 -13.69 -8.98 7.66
C ARG B 179 -13.67 -8.76 9.17
N PHE B 180 -13.84 -7.52 9.61
CA PHE B 180 -13.81 -7.24 11.04
C PHE B 180 -15.12 -7.46 11.80
N ILE B 181 -16.18 -7.86 11.09
CA ILE B 181 -17.46 -8.12 11.76
C ILE B 181 -18.06 -9.47 11.39
N MET B 182 -17.34 -10.24 10.57
CA MET B 182 -17.84 -11.55 10.16
C MET B 182 -18.28 -12.43 11.32
N ASP B 183 -17.51 -12.43 12.40
CA ASP B 183 -17.84 -13.24 13.58
C ASP B 183 -19.16 -12.80 14.26
N ARG B 184 -19.39 -11.49 14.32
CA ARG B 184 -20.62 -10.99 14.94
C ARG B 184 -21.83 -11.39 14.11
N LEU B 185 -21.61 -11.60 12.82
CA LEU B 185 -22.67 -11.94 11.90
C LEU B 185 -23.01 -13.42 11.79
N TYR B 186 -21.99 -14.27 11.80
CA TYR B 186 -22.22 -15.70 11.62
C TYR B 186 -21.78 -16.67 12.70
N ASN B 187 -20.75 -16.35 13.47
CA ASN B 187 -20.27 -17.26 14.50
C ASN B 187 -19.48 -16.51 15.58
N PHE B 188 -20.22 -15.94 16.52
CA PHE B 188 -19.61 -15.16 17.60
C PHE B 188 -19.14 -16.01 18.80
N SER B 189 -17.87 -15.84 19.15
CA SER B 189 -17.28 -16.55 20.29
C SER B 189 -17.36 -18.07 20.20
N ASN B 190 -17.19 -18.61 19.00
CA ASN B 190 -17.23 -20.06 18.81
C ASN B 190 -18.59 -20.65 19.15
N THR B 191 -19.65 -19.84 19.07
CA THR B 191 -21.00 -20.30 19.38
C THR B 191 -21.79 -20.73 18.15
N GLY B 192 -21.30 -20.39 16.97
CA GLY B 192 -21.99 -20.75 15.75
C GLY B 192 -23.22 -19.88 15.53
N LEU B 193 -23.40 -18.90 16.41
CA LEU B 193 -24.52 -17.96 16.32
C LEU B 193 -23.99 -16.53 16.32
N PRO B 194 -24.79 -15.59 15.78
CA PRO B 194 -24.36 -14.19 15.74
C PRO B 194 -24.30 -13.55 17.13
N ASP B 195 -23.70 -12.37 17.19
CA ASP B 195 -23.59 -11.62 18.43
C ASP B 195 -24.98 -11.22 18.88
N PRO B 196 -25.38 -11.63 20.10
CA PRO B 196 -26.71 -11.31 20.63
C PRO B 196 -26.92 -9.82 20.92
N THR B 197 -25.86 -9.03 20.91
CA THR B 197 -26.00 -7.60 21.19
C THR B 197 -26.17 -6.79 19.91
N LEU B 198 -26.26 -7.50 18.78
CA LEU B 198 -26.44 -6.83 17.50
C LEU B 198 -27.92 -6.90 17.13
N ASN B 199 -28.51 -5.74 16.82
CA ASN B 199 -29.91 -5.65 16.43
C ASN B 199 -30.21 -6.61 15.28
N THR B 200 -31.22 -7.46 15.45
CA THR B 200 -31.59 -8.47 14.46
C THR B 200 -31.95 -7.95 13.07
N THR B 201 -32.68 -6.83 13.01
CA THR B 201 -33.02 -6.30 11.69
C THR B 201 -31.75 -5.81 11.03
N TYR B 202 -30.91 -5.13 11.81
CA TYR B 202 -29.65 -4.61 11.30
C TYR B 202 -28.75 -5.78 10.90
N LEU B 203 -28.86 -6.90 11.62
CA LEU B 203 -28.07 -8.08 11.33
C LEU B 203 -28.37 -8.59 9.91
N GLN B 204 -29.63 -8.47 9.50
CA GLN B 204 -30.05 -8.91 8.18
C GLN B 204 -29.41 -8.01 7.13
N THR B 205 -29.43 -6.70 7.38
CA THR B 205 -28.83 -5.75 6.46
C THR B 205 -27.33 -6.01 6.30
N LEU B 206 -26.64 -6.20 7.42
CA LEU B 206 -25.21 -6.44 7.39
C LEU B 206 -24.85 -7.75 6.69
N ARG B 207 -25.64 -8.81 6.93
CA ARG B 207 -25.37 -10.09 6.29
C ARG B 207 -25.54 -9.96 4.77
N GLY B 208 -26.35 -8.99 4.34
CA GLY B 208 -26.55 -8.79 2.93
C GLY B 208 -25.32 -8.12 2.34
N LEU B 209 -24.73 -7.24 3.12
CA LEU B 209 -23.53 -6.52 2.70
C LEU B 209 -22.27 -7.39 2.84
N CYS B 210 -22.27 -8.25 3.84
CA CYS B 210 -21.12 -9.12 4.08
C CYS B 210 -21.52 -10.58 4.08
N PRO B 211 -21.76 -11.15 2.89
CA PRO B 211 -22.17 -12.55 2.75
C PRO B 211 -21.07 -13.51 3.18
N LEU B 212 -21.48 -14.69 3.64
CA LEU B 212 -20.56 -15.71 4.11
C LEU B 212 -19.36 -15.99 3.20
N ASN B 213 -19.58 -16.01 1.89
CA ASN B 213 -18.48 -16.29 0.98
C ASN B 213 -18.11 -15.07 0.13
N GLY B 214 -18.56 -13.89 0.57
CA GLY B 214 -18.29 -12.68 -0.17
C GLY B 214 -16.90 -12.07 0.00
N ASN B 215 -16.78 -10.82 -0.44
CA ASN B 215 -15.52 -10.09 -0.36
C ASN B 215 -15.33 -9.52 1.05
N LEU B 216 -14.30 -9.99 1.74
CA LEU B 216 -14.02 -9.55 3.09
C LEU B 216 -13.51 -8.11 3.13
N SER B 217 -13.09 -7.61 1.98
CA SER B 217 -12.59 -6.25 1.91
C SER B 217 -13.69 -5.26 1.57
N ALA B 218 -14.91 -5.75 1.40
CA ALA B 218 -16.03 -4.88 1.10
C ALA B 218 -16.19 -3.94 2.28
N LEU B 219 -16.50 -2.69 2.00
CA LEU B 219 -16.63 -1.68 3.04
C LEU B 219 -18.07 -1.40 3.47
N VAL B 220 -18.23 -1.13 4.76
CA VAL B 220 -19.53 -0.83 5.35
C VAL B 220 -19.39 0.48 6.12
N ASP B 221 -20.48 1.25 6.21
CA ASP B 221 -20.45 2.52 6.93
C ASP B 221 -20.43 2.27 8.44
N MET B 222 -19.56 3.00 9.13
CA MET B 222 -19.44 2.88 10.59
C MET B 222 -20.72 3.38 11.24
N ASP B 223 -21.25 4.49 10.71
CA ASP B 223 -22.47 5.09 11.24
C ASP B 223 -23.61 5.02 10.20
N LEU B 224 -24.57 4.14 10.44
CA LEU B 224 -25.69 3.95 9.51
C LEU B 224 -26.65 5.13 9.40
N ARG B 225 -26.57 6.07 10.32
CA ARG B 225 -27.46 7.23 10.30
C ARG B 225 -26.95 8.37 9.43
N THR B 226 -25.74 8.86 9.72
CA THR B 226 -25.13 9.93 8.93
C THR B 226 -23.70 9.47 8.68
N PRO B 227 -23.53 8.59 7.68
CA PRO B 227 -22.23 8.01 7.31
C PRO B 227 -21.03 8.94 7.11
N THR B 228 -21.28 10.19 6.73
CA THR B 228 -20.17 11.11 6.48
C THR B 228 -20.17 12.39 7.30
N ILE B 229 -21.13 12.54 8.19
CA ILE B 229 -21.20 13.74 9.01
C ILE B 229 -20.68 13.48 10.42
N PHE B 230 -19.80 14.35 10.90
CA PHE B 230 -19.29 14.18 12.24
C PHE B 230 -20.32 14.75 13.22
N ASP B 231 -21.09 13.86 13.84
CA ASP B 231 -22.12 14.24 14.79
C ASP B 231 -22.22 13.18 15.89
N ASN B 232 -23.21 13.32 16.76
CA ASN B 232 -23.36 12.38 17.85
C ASN B 232 -24.24 11.15 17.56
N LYS B 233 -24.58 10.94 16.29
CA LYS B 233 -25.43 9.80 15.91
C LYS B 233 -24.84 8.45 16.28
N TYR B 234 -23.51 8.40 16.35
CA TYR B 234 -22.80 7.18 16.71
C TYR B 234 -23.33 6.61 18.02
N TYR B 235 -23.65 7.49 18.97
CA TYR B 235 -24.15 7.07 20.28
C TYR B 235 -25.60 6.61 20.27
N VAL B 236 -26.41 7.23 19.42
CA VAL B 236 -27.81 6.85 19.30
C VAL B 236 -27.87 5.40 18.81
N ASN B 237 -27.01 5.07 17.84
CA ASN B 237 -26.94 3.72 17.29
C ASN B 237 -26.64 2.69 18.39
N LEU B 238 -25.70 3.03 19.27
CA LEU B 238 -25.32 2.12 20.37
C LEU B 238 -26.53 1.78 21.24
N GLU B 239 -27.35 2.79 21.53
CA GLU B 239 -28.54 2.58 22.35
C GLU B 239 -29.54 1.65 21.66
N GLU B 240 -29.48 1.57 20.34
CA GLU B 240 -30.38 0.71 19.57
C GLU B 240 -29.72 -0.61 19.23
N GLN B 241 -28.54 -0.84 19.82
CA GLN B 241 -27.77 -2.06 19.58
C GLN B 241 -27.37 -2.14 18.11
N LYS B 242 -27.02 -0.99 17.56
CA LYS B 242 -26.60 -0.91 16.16
C LYS B 242 -25.16 -0.42 16.00
N GLY B 243 -24.34 -0.69 17.00
CA GLY B 243 -22.94 -0.32 16.91
C GLY B 243 -22.37 -1.33 15.93
N LEU B 244 -21.57 -0.87 14.97
CA LEU B 244 -21.03 -1.78 13.97
C LEU B 244 -20.06 -2.84 14.49
N ILE B 245 -18.98 -2.42 15.12
CA ILE B 245 -18.01 -3.40 15.61
C ILE B 245 -18.18 -3.69 17.09
N GLN B 246 -17.68 -4.85 17.49
CA GLN B 246 -17.75 -5.31 18.86
C GLN B 246 -17.32 -4.25 19.88
N SER B 247 -16.18 -3.61 19.63
CA SER B 247 -15.67 -2.60 20.56
C SER B 247 -16.62 -1.41 20.68
N ASP B 248 -17.44 -1.19 19.65
CA ASP B 248 -18.41 -0.09 19.65
C ASP B 248 -19.57 -0.38 20.60
N GLN B 249 -20.23 -1.51 20.36
CA GLN B 249 -21.40 -1.94 21.13
C GLN B 249 -21.12 -2.22 22.60
N GLU B 250 -19.91 -2.68 22.90
CA GLU B 250 -19.52 -2.98 24.28
C GLU B 250 -19.57 -1.75 25.19
N LEU B 251 -19.47 -0.55 24.60
CA LEU B 251 -19.52 0.69 25.36
C LEU B 251 -20.89 0.85 26.02
N PHE B 252 -21.89 0.19 25.45
CA PHE B 252 -23.25 0.27 25.97
C PHE B 252 -23.79 -1.07 26.49
N SER B 253 -23.36 -2.17 25.88
CA SER B 253 -23.87 -3.48 26.27
C SER B 253 -22.99 -4.40 27.10
N SER B 254 -21.76 -4.00 27.37
CA SER B 254 -20.88 -4.86 28.17
C SER B 254 -21.25 -4.88 29.64
N PRO B 255 -21.06 -6.02 30.32
CA PRO B 255 -21.38 -6.12 31.74
C PRO B 255 -20.49 -5.19 32.59
N ASN B 256 -19.42 -4.67 31.99
CA ASN B 256 -18.50 -3.77 32.68
C ASN B 256 -18.74 -2.32 32.27
N ALA B 257 -19.81 -2.08 31.51
CA ALA B 257 -20.15 -0.75 31.01
C ALA B 257 -20.87 0.18 32.00
N THR B 258 -20.79 -0.15 33.28
CA THR B 258 -21.44 0.64 34.33
C THR B 258 -21.10 2.12 34.23
N ASP B 259 -19.82 2.41 34.04
CA ASP B 259 -19.32 3.79 33.96
C ASP B 259 -19.38 4.44 32.58
N THR B 260 -19.58 3.63 31.53
CA THR B 260 -19.64 4.17 30.18
C THR B 260 -21.05 4.45 29.69
N ILE B 261 -22.02 3.68 30.17
CA ILE B 261 -23.40 3.86 29.75
C ILE B 261 -23.89 5.31 29.95
N PRO B 262 -23.68 5.88 31.14
CA PRO B 262 -24.11 7.26 31.39
C PRO B 262 -23.54 8.26 30.38
N LEU B 263 -22.28 8.06 29.99
CA LEU B 263 -21.62 8.94 29.04
C LEU B 263 -22.23 8.78 27.66
N VAL B 264 -22.60 7.55 27.32
CA VAL B 264 -23.21 7.28 26.02
C VAL B 264 -24.57 7.96 25.97
N ARG B 265 -25.36 7.79 27.04
CA ARG B 265 -26.68 8.39 27.11
C ARG B 265 -26.56 9.89 26.99
N SER B 266 -25.59 10.46 27.70
CA SER B 266 -25.36 11.89 27.68
C SER B 266 -24.97 12.38 26.28
N PHE B 267 -23.97 11.74 25.69
CA PHE B 267 -23.48 12.13 24.36
C PHE B 267 -24.52 11.92 23.27
N ALA B 268 -25.37 10.92 23.44
CA ALA B 268 -26.41 10.62 22.45
C ALA B 268 -27.51 11.67 22.46
N ASN B 269 -27.63 12.41 23.56
CA ASN B 269 -28.70 13.40 23.66
C ASN B 269 -28.25 14.85 23.70
N SER B 270 -26.96 15.10 23.51
CA SER B 270 -26.46 16.47 23.52
C SER B 270 -25.19 16.59 22.69
N THR B 271 -25.31 17.26 21.55
CA THR B 271 -24.18 17.47 20.64
C THR B 271 -23.08 18.29 21.30
N GLN B 272 -23.50 19.32 22.03
CA GLN B 272 -22.56 20.20 22.71
C GLN B 272 -21.70 19.44 23.71
N THR B 273 -22.35 18.63 24.54
CA THR B 273 -21.64 17.85 25.54
C THR B 273 -20.63 16.93 24.86
N PHE B 274 -21.07 16.25 23.80
CA PHE B 274 -20.20 15.34 23.07
C PHE B 274 -19.03 16.11 22.44
N PHE B 275 -19.32 17.19 21.73
CA PHE B 275 -18.27 17.98 21.10
C PHE B 275 -17.25 18.49 22.13
N ASN B 276 -17.74 18.99 23.26
CA ASN B 276 -16.84 19.48 24.30
C ASN B 276 -15.92 18.35 24.76
N ALA B 277 -16.51 17.20 25.06
CA ALA B 277 -15.76 16.03 25.52
C ALA B 277 -14.80 15.49 24.46
N PHE B 278 -15.21 15.51 23.20
CA PHE B 278 -14.36 15.03 22.11
C PHE B 278 -13.13 15.93 21.95
N VAL B 279 -13.32 17.23 22.05
CA VAL B 279 -12.21 18.17 21.90
C VAL B 279 -11.21 17.98 23.05
N GLU B 280 -11.75 17.82 24.26
CA GLU B 280 -10.89 17.62 25.44
C GLU B 280 -10.10 16.32 25.34
N ALA B 281 -10.77 15.25 24.93
CA ALA B 281 -10.13 13.95 24.77
C ALA B 281 -9.07 14.01 23.66
N MET B 282 -9.38 14.72 22.58
CA MET B 282 -8.46 14.84 21.45
C MET B 282 -7.18 15.55 21.87
N ASP B 283 -7.33 16.64 22.62
CA ASP B 283 -6.15 17.38 23.05
C ASP B 283 -5.31 16.54 24.01
N ARG B 284 -5.97 15.70 24.79
CA ARG B 284 -5.26 14.83 25.72
C ARG B 284 -4.49 13.78 24.93
N MET B 285 -5.12 13.23 23.90
CA MET B 285 -4.45 12.23 23.06
C MET B 285 -3.26 12.86 22.32
N GLY B 286 -3.45 14.09 21.85
CA GLY B 286 -2.39 14.76 21.13
C GLY B 286 -1.21 15.12 22.01
N ASN B 287 -1.35 14.92 23.31
CA ASN B 287 -0.29 15.25 24.25
C ASN B 287 0.48 14.04 24.77
N ILE B 288 0.26 12.88 24.16
CA ILE B 288 0.95 11.66 24.58
C ILE B 288 2.43 11.75 24.20
N THR B 289 3.29 11.71 25.22
CA THR B 289 4.74 11.75 25.06
C THR B 289 5.27 12.38 23.77
N PRO B 290 5.04 13.68 23.58
CA PRO B 290 5.54 14.32 22.35
C PRO B 290 7.03 14.62 22.39
N LEU B 291 7.65 14.73 21.22
CA LEU B 291 9.06 15.08 21.12
C LEU B 291 9.05 16.60 20.96
N THR B 292 9.79 17.31 21.82
CA THR B 292 9.82 18.78 21.73
C THR B 292 11.22 19.35 21.88
N GLY B 293 11.32 20.66 21.72
CA GLY B 293 12.59 21.34 21.86
C GLY B 293 13.61 20.94 20.82
N THR B 294 14.60 20.16 21.23
CA THR B 294 15.64 19.72 20.32
C THR B 294 15.51 18.23 20.04
N GLN B 295 14.50 17.60 20.62
CA GLN B 295 14.28 16.17 20.40
C GLN B 295 13.69 15.99 19.00
N GLY B 296 14.01 14.85 18.39
CA GLY B 296 13.50 14.58 17.06
C GLY B 296 13.88 15.69 16.09
N GLN B 297 13.25 15.73 14.94
CA GLN B 297 13.57 16.76 13.96
C GLN B 297 12.33 17.29 13.28
N ILE B 298 12.54 18.19 12.33
CA ILE B 298 11.45 18.70 11.54
C ILE B 298 11.72 18.05 10.18
N ARG B 299 11.03 16.95 9.93
CA ARG B 299 11.19 16.20 8.69
C ARG B 299 10.88 17.07 7.48
N LEU B 300 11.69 16.93 6.43
CA LEU B 300 11.47 17.69 5.21
C LEU B 300 10.49 16.91 4.33
N ASN B 301 10.59 15.60 4.41
CA ASN B 301 9.76 14.65 3.66
C ASN B 301 9.26 13.68 4.75
N CYS B 302 7.96 13.67 4.97
CA CYS B 302 7.36 12.83 6.01
C CYS B 302 7.62 11.33 5.92
N ARG B 303 7.99 10.86 4.74
CA ARG B 303 8.25 9.44 4.54
C ARG B 303 9.64 8.99 4.99
N VAL B 304 10.57 9.94 5.08
CA VAL B 304 11.93 9.59 5.46
C VAL B 304 12.57 10.54 6.46
N VAL B 305 13.55 10.02 7.19
CA VAL B 305 14.29 10.78 8.19
C VAL B 305 15.27 11.67 7.42
N ASN B 306 15.52 12.86 7.95
CA ASN B 306 16.45 13.79 7.32
C ASN B 306 17.87 13.24 7.31
N SER B 307 18.60 13.48 6.23
CA SER B 307 19.97 13.02 6.11
C SER B 307 20.90 13.83 7.01
N ASN B 308 20.92 15.07 6.87
CA CA C . 15.52 -19.66 -10.65
CA CA D . 4.37 3.37 -18.05
CHA HEM E . 4.90 -12.06 -10.29
CHB HEM E . 1.60 -12.83 -13.80
CHC HEM E . 4.94 -11.62 -17.12
CHD HEM E . 8.19 -10.73 -13.59
C1A HEM E . 3.70 -12.33 -10.97
C2A HEM E . 2.47 -12.76 -10.31
C3A HEM E . 1.56 -13.03 -11.29
C4A HEM E . 2.22 -12.73 -12.55
CMA HEM E . 0.16 -13.57 -11.10
CAA HEM E . 2.22 -12.87 -8.81
CBA HEM E . 1.60 -11.58 -8.27
CGA HEM E . 1.38 -11.64 -6.77
O1A HEM E . 1.23 -10.56 -6.16
O2A HEM E . 1.35 -12.75 -6.22
C1B HEM E . 2.23 -12.59 -15.01
C2B HEM E . 1.62 -12.82 -16.30
C3B HEM E . 2.56 -12.57 -17.25
C4B HEM E . 3.76 -12.11 -16.53
CMB HEM E . 0.15 -13.17 -16.56
CAB HEM E . 2.37 -12.72 -18.63
CBB HEM E . 3.27 -13.42 -19.51
C1C HEM E . 6.08 -11.19 -16.45
C2C HEM E . 7.26 -10.62 -17.09
C3C HEM E . 8.15 -10.30 -16.09
C4C HEM E . 7.53 -10.73 -14.84
CMC HEM E . 7.46 -10.44 -18.59
CAC HEM E . 9.35 -9.62 -16.22
CBC HEM E . 10.43 -9.97 -17.11
C1D HEM E . 7.63 -11.17 -12.39
C2D HEM E . 8.33 -11.30 -11.13
C3D HEM E . 7.39 -11.61 -10.19
C4D HEM E . 6.11 -11.76 -10.89
CMD HEM E . 9.85 -11.23 -10.93
CAD HEM E . 7.56 -11.68 -8.66
CBD HEM E . 7.44 -10.30 -8.04
CGD HEM E . 7.68 -10.29 -6.55
O1D HEM E . 7.61 -9.20 -5.94
O2D HEM E . 7.95 -11.37 -5.97
NA HEM E . 3.56 -12.33 -12.35
NB HEM E . 3.57 -12.20 -15.16
NC HEM E . 6.24 -11.23 -15.06
ND HEM E . 6.29 -11.57 -12.27
FE HEM E . 4.93 -11.92 -13.73
C1 BHO F . -1.03 -9.63 -13.08
C2 BHO F . -2.26 -9.27 -13.73
C3 BHO F . -3.49 -9.56 -13.11
C4 BHO F . -3.52 -10.25 -11.88
C5 BHO F . -2.32 -10.65 -11.27
C6 BHO F . -1.08 -10.23 -11.78
C BHO F . 0.26 -9.33 -13.72
O1 BHO F . 1.34 -9.57 -13.05
N BHO F . 0.34 -8.88 -14.94
O2 BHO F . 1.61 -8.79 -15.57
CA CA G . -22.28 10.54 11.76
CA CA H . 3.72 7.57 16.75
CHA HEM I . -11.92 2.58 11.35
CHB HEM I . -11.27 -0.27 15.27
CHC HEM I . -10.76 3.70 18.01
CHD HEM I . -11.28 6.54 14.08
C1A HEM I . -11.74 1.47 12.19
C2A HEM I . -11.86 0.07 11.74
C3A HEM I . -11.72 -0.72 12.83
C4A HEM I . -11.49 0.17 13.95
CMA HEM I . -11.84 -2.24 12.86
CAA HEM I . -12.05 -0.41 10.30
CBA HEM I . -10.70 -0.70 9.64
CGA HEM I . -10.85 -1.14 8.20
O1A HEM I . -9.87 -1.06 7.45
O2A HEM I . -11.96 -1.57 7.81
C1B HEM I . -11.09 0.57 16.35
C2B HEM I . -10.98 0.09 17.72
C3B HEM I . -10.93 1.20 18.52
C4B HEM I . -10.93 2.37 17.62
CMB HEM I . -10.85 -1.36 18.18
CAB HEM I . -10.84 1.17 19.92
CBB HEM I . -11.69 1.95 20.80
C1C HEM I . -10.76 4.81 17.16
C2C HEM I . -10.51 6.19 17.59
C3C HEM I . -10.59 6.97 16.47
C4C HEM I . -10.94 6.09 15.37
CMC HEM I . -10.23 6.64 19.03
CAC HEM I . -10.28 8.33 16.37
CBC HEM I . -10.85 9.38 17.20
C1D HEM I . -11.66 5.71 13.01
C2D HEM I . -12.14 6.17 11.72
C3D HEM I . -12.26 5.04 10.94
C4D HEM I . -11.94 3.89 11.78
CMD HEM I . -12.56 7.60 11.37
CAD HEM I . -12.55 4.98 9.43
CBD HEM I . -11.28 5.16 8.63
CGD HEM I . -11.51 5.19 7.13
O1D HEM I . -10.52 5.34 6.38
O2D HEM I . -12.67 5.06 6.71
NA HEM I . -11.55 1.51 13.56
NB HEM I . -11.11 1.96 16.30
NC HEM I . -11.01 4.76 15.79
ND HEM I . -11.65 4.31 13.09
FE HEM I . -11.42 3.14 14.71
C1 BHO J . -7.52 -1.96 14.35
C2 BHO J . -6.74 -2.94 15.06
C3 BHO J . -6.71 -4.27 14.61
C4 BHO J . -7.50 -4.66 13.52
C5 BHO J . -8.31 -3.73 12.85
C6 BHO J . -8.22 -2.36 13.16
C BHO J . -7.55 -0.56 14.81
O1 BHO J . -8.19 0.30 14.06
N BHO J . -7.02 -0.19 15.92
O2 BHO J . -7.24 1.13 16.40
#